data_2W6Q
#
_entry.id   2W6Q
#
_cell.length_a   83.996
_cell.length_b   105.573
_cell.length_c   122.045
_cell.angle_alpha   90.00
_cell.angle_beta   90.00
_cell.angle_gamma   90.00
#
_symmetry.space_group_name_H-M   'P 21 21 21'
#
loop_
_entity.id
_entity.type
_entity.pdbx_description
1 polymer 'BIOTIN CARBOXYLASE'
2 non-polymer 6-(2-phenoxyethoxy)-1,3,5-triazine-2,4-diamine
3 non-polymer 'CHLORIDE ION'
4 water water
#
_entity_poly.entity_id   1
_entity_poly.type   'polypeptide(L)'
_entity_poly.pdbx_seq_one_letter_code
;MLDKIVIANRGEIALRILRACKELGIKTVAVHSSADRDLKHVLLADETVCIGPAPSVKSYLNIPAIISAAEITGAVAIHP
GYGFLSENANFAEQVERSGFIFIGPKAETIRLMGDKVSAIAAMKKAGVPCVPGSDGPLGDDMDKNRAIAKRIGYPVIIKA
SGGGGGRGMRVVRGDAELAQSISMTRAEAKAAFSNDMVYMEKYLENPRHVEIQVLADGQGNAIYLAERDCSMQRRHQKVV
EEAPAPGITPELRRYIGERCAKACVDIGYRGAGTFEFLFENGEFYFIEMNTRIQVEHPVTEMITGVDLIKEQLRIAAGQP
LSIKQEEVHVRGHAVECRINAEDPNTFLPSPGKITRFHAPGGFGVRWESHIYAGYTVPPYYDSMIGKLICYGENRDVAIA
RMKNALQELIIDGIKTNVDLQIRIMNDENFQHGGTNIHYLEKKLGLQEK
;
_entity_poly.pdbx_strand_id   A,B
#
loop_
_chem_comp.id
_chem_comp.type
_chem_comp.name
_chem_comp.formula
CL non-polymer 'CHLORIDE ION' 'Cl -1'
OA5 non-polymer 6-(2-phenoxyethoxy)-1,3,5-triazine-2,4-diamine 'C11 H13 N5 O2'
#
# COMPACT_ATOMS: atom_id res chain seq x y z
N MET A 1 17.74 6.20 -19.68
CA MET A 1 17.22 4.96 -19.03
C MET A 1 17.63 3.70 -19.80
N LEU A 2 17.88 2.61 -19.04
CA LEU A 2 18.32 1.32 -19.59
C LEU A 2 17.22 0.69 -20.43
N ASP A 3 17.55 0.35 -21.68
CA ASP A 3 16.57 -0.20 -22.63
C ASP A 3 16.00 -1.55 -22.21
N LYS A 4 16.88 -2.44 -21.75
CA LYS A 4 16.53 -3.84 -21.53
C LYS A 4 17.49 -4.45 -20.53
N ILE A 5 16.94 -5.16 -19.55
CA ILE A 5 17.77 -5.79 -18.53
C ILE A 5 17.40 -7.24 -18.29
N VAL A 6 18.40 -8.04 -17.96
CA VAL A 6 18.21 -9.40 -17.48
C VAL A 6 17.96 -9.33 -15.97
N ILE A 7 16.88 -9.97 -15.52
CA ILE A 7 16.64 -10.13 -14.10
C ILE A 7 17.24 -11.48 -13.69
N ALA A 8 18.44 -11.44 -13.10
CA ALA A 8 19.19 -12.65 -12.76
C ALA A 8 18.81 -13.16 -11.37
N ASN A 9 17.54 -13.53 -11.23
CA ASN A 9 16.99 -14.02 -9.98
C ASN A 9 15.63 -14.63 -10.24
N ARG A 10 14.91 -14.98 -9.17
CA ARG A 10 13.65 -15.71 -9.26
C ARG A 10 12.73 -15.25 -8.14
N GLY A 11 11.53 -15.82 -8.08
CA GLY A 11 10.66 -15.65 -6.91
C GLY A 11 10.22 -14.22 -6.70
N GLU A 12 10.03 -13.85 -5.44
CA GLU A 12 9.45 -12.54 -5.12
C GLU A 12 10.31 -11.38 -5.57
N ILE A 13 11.64 -11.49 -5.41
CA ILE A 13 12.51 -10.37 -5.77
C ILE A 13 12.56 -10.13 -7.29
N ALA A 14 12.49 -11.20 -8.07
CA ALA A 14 12.45 -11.08 -9.52
C ALA A 14 11.20 -10.31 -9.97
N LEU A 15 10.07 -10.62 -9.32
CA LEU A 15 8.81 -9.92 -9.57
C LEU A 15 8.88 -8.47 -9.11
N ARG A 16 9.49 -8.24 -7.93
CA ARG A 16 9.73 -6.89 -7.43
C ARG A 16 10.50 -6.04 -8.44
N ILE A 17 11.57 -6.60 -8.99
CA ILE A 17 12.40 -5.93 -9.97
C ILE A 17 11.63 -5.71 -11.28
N LEU A 18 10.86 -6.71 -11.72
CA LEU A 18 10.06 -6.60 -12.94
C LEU A 18 9.08 -5.43 -12.89
N ARG A 19 8.42 -5.26 -11.75
CA ARG A 19 7.47 -4.15 -11.59
C ARG A 19 8.17 -2.80 -11.69
N ALA A 20 9.35 -2.68 -11.10
CA ALA A 20 10.15 -1.45 -11.20
C ALA A 20 10.52 -1.16 -12.65
N CYS A 21 10.96 -2.20 -13.37
CA CYS A 21 11.30 -2.07 -14.81
C CYS A 21 10.11 -1.60 -15.64
N LYS A 22 8.96 -2.24 -15.45
CA LYS A 22 7.75 -1.83 -16.16
C LYS A 22 7.37 -0.37 -15.93
N GLU A 23 7.46 0.08 -14.67
CA GLU A 23 7.18 1.48 -14.31
C GLU A 23 8.08 2.46 -15.06
N LEU A 24 9.33 2.06 -15.27
CA LEU A 24 10.32 2.92 -15.92
C LEU A 24 10.44 2.72 -17.43
N GLY A 25 9.60 1.84 -17.98
CA GLY A 25 9.60 1.55 -19.42
C GLY A 25 10.71 0.62 -19.89
N ILE A 26 11.38 -0.02 -18.95
CA ILE A 26 12.53 -0.89 -19.22
C ILE A 26 12.05 -2.28 -19.61
N LYS A 27 12.52 -2.76 -20.76
CA LYS A 27 12.23 -4.11 -21.24
C LYS A 27 12.88 -5.17 -20.34
N THR A 28 12.18 -6.28 -20.13
CA THR A 28 12.61 -7.28 -19.18
C THR A 28 12.94 -8.61 -19.83
N VAL A 29 14.03 -9.20 -19.38
CA VAL A 29 14.41 -10.55 -19.76
C VAL A 29 14.42 -11.39 -18.50
N ALA A 30 13.51 -12.37 -18.44
CA ALA A 30 13.48 -13.30 -17.33
C ALA A 30 14.25 -14.57 -17.68
N VAL A 31 15.46 -14.68 -17.13
CA VAL A 31 16.20 -15.93 -17.20
C VAL A 31 15.70 -16.81 -16.05
N HIS A 32 15.45 -18.08 -16.35
CA HIS A 32 14.89 -18.99 -15.37
C HIS A 32 15.40 -20.42 -15.58
N SER A 33 15.35 -21.20 -14.50
CA SER A 33 15.59 -22.64 -14.58
C SER A 33 14.37 -23.33 -15.19
N SER A 34 14.55 -24.59 -15.58
CA SER A 34 13.49 -25.39 -16.16
C SER A 34 12.38 -25.70 -15.16
N ALA A 35 12.66 -25.56 -13.87
CA ALA A 35 11.65 -25.73 -12.83
C ALA A 35 10.83 -24.45 -12.55
N ASP A 36 11.27 -23.33 -13.12
CA ASP A 36 10.69 -22.02 -12.84
C ASP A 36 9.97 -21.39 -14.06
N ARG A 37 9.53 -22.22 -14.99
CA ARG A 37 8.82 -21.74 -16.18
C ARG A 37 7.50 -21.02 -15.83
N ASP A 38 6.90 -21.43 -14.72
CA ASP A 38 5.59 -20.92 -14.29
C ASP A 38 5.67 -19.86 -13.19
N LEU A 39 6.86 -19.35 -12.92
CA LEU A 39 7.02 -18.19 -12.03
C LEU A 39 6.22 -17.00 -12.55
N LYS A 40 5.55 -16.29 -11.64
CA LYS A 40 4.75 -15.13 -12.02
C LYS A 40 5.51 -14.11 -12.89
N HIS A 41 6.72 -13.74 -12.47
CA HIS A 41 7.48 -12.73 -13.21
C HIS A 41 7.92 -13.22 -14.60
N VAL A 42 8.23 -14.52 -14.70
CA VAL A 42 8.53 -15.16 -15.99
C VAL A 42 7.35 -15.00 -16.96
N LEU A 43 6.15 -15.26 -16.47
CA LEU A 43 4.92 -15.13 -17.25
C LEU A 43 4.60 -13.68 -17.63
N LEU A 44 5.18 -12.73 -16.90
CA LEU A 44 4.92 -11.31 -17.13
C LEU A 44 6.02 -10.63 -17.92
N ALA A 45 7.15 -11.31 -18.10
CA ALA A 45 8.33 -10.70 -18.73
C ALA A 45 8.14 -10.51 -20.23
N ASP A 46 8.86 -9.53 -20.77
CA ASP A 46 8.83 -9.25 -22.21
C ASP A 46 9.46 -10.39 -23.00
N GLU A 47 10.55 -10.94 -22.46
CA GLU A 47 11.26 -12.07 -23.06
C GLU A 47 11.69 -13.02 -21.95
N THR A 48 11.75 -14.30 -22.29
CA THR A 48 12.20 -15.32 -21.34
C THR A 48 13.31 -16.15 -21.98
N VAL A 49 14.27 -16.57 -21.15
CA VAL A 49 15.34 -17.48 -21.58
C VAL A 49 15.53 -18.54 -20.50
N CYS A 50 15.35 -19.80 -20.87
CA CYS A 50 15.66 -20.89 -19.94
C CYS A 50 17.16 -21.13 -19.93
N ILE A 51 17.79 -20.95 -18.78
CA ILE A 51 19.25 -20.94 -18.69
C ILE A 51 19.84 -22.24 -18.16
N GLY A 52 18.98 -23.20 -17.83
CA GLY A 52 19.47 -24.48 -17.36
C GLY A 52 18.47 -25.25 -16.52
N PRO A 53 18.89 -26.42 -16.00
CA PRO A 53 18.01 -27.27 -15.21
C PRO A 53 17.76 -26.67 -13.82
N ALA A 54 16.90 -27.32 -13.04
CA ALA A 54 16.51 -26.86 -11.70
C ALA A 54 17.65 -26.47 -10.76
N PRO A 55 18.66 -27.35 -10.55
CA PRO A 55 19.68 -27.00 -9.55
C PRO A 55 20.37 -25.66 -9.85
N SER A 56 20.46 -24.82 -8.83
CA SER A 56 20.98 -23.46 -8.97
C SER A 56 22.35 -23.37 -9.62
N VAL A 57 23.22 -24.35 -9.37
CA VAL A 57 24.58 -24.34 -9.95
C VAL A 57 24.54 -24.26 -11.48
N LYS A 58 23.53 -24.86 -12.08
CA LYS A 58 23.42 -24.87 -13.53
C LYS A 58 22.40 -23.87 -14.08
N SER A 59 21.79 -23.08 -13.20
CA SER A 59 20.88 -22.03 -13.63
C SER A 59 21.26 -20.66 -13.03
N TYR A 60 20.75 -20.37 -11.83
CA TYR A 60 20.90 -19.04 -11.21
C TYR A 60 22.31 -18.69 -10.76
N LEU A 61 23.20 -19.69 -10.69
CA LEU A 61 24.62 -19.46 -10.41
C LEU A 61 25.50 -19.67 -11.66
N ASN A 62 24.85 -19.99 -12.77
CA ASN A 62 25.55 -20.32 -14.01
C ASN A 62 25.93 -19.05 -14.74
N ILE A 63 27.15 -18.56 -14.46
CA ILE A 63 27.60 -17.26 -14.99
C ILE A 63 27.61 -17.18 -16.53
N PRO A 64 28.24 -18.15 -17.23
CA PRO A 64 28.18 -18.19 -18.70
C PRO A 64 26.77 -18.11 -19.30
N ALA A 65 25.84 -18.91 -18.76
CA ALA A 65 24.46 -18.94 -19.27
C ALA A 65 23.72 -17.61 -19.07
N ILE A 66 23.95 -16.97 -17.94
CA ILE A 66 23.33 -15.67 -17.64
C ILE A 66 23.84 -14.57 -18.57
N ILE A 67 25.15 -14.54 -18.75
CA ILE A 67 25.79 -13.58 -19.66
C ILE A 67 25.43 -13.86 -21.13
N SER A 68 25.35 -15.14 -21.51
CA SER A 68 24.87 -15.52 -22.84
C SER A 68 23.46 -15.03 -23.12
N ALA A 69 22.58 -15.21 -22.13
CA ALA A 69 21.19 -14.72 -22.22
C ALA A 69 21.11 -13.20 -22.42
N ALA A 70 21.94 -12.45 -21.69
CA ALA A 70 22.05 -11.00 -21.89
C ALA A 70 22.49 -10.68 -23.31
N GLU A 71 23.51 -11.40 -23.80
CA GLU A 71 24.00 -11.22 -25.16
C GLU A 71 22.96 -11.51 -26.24
N ILE A 72 22.28 -12.66 -26.14
CA ILE A 72 21.34 -13.06 -27.19
C ILE A 72 20.11 -12.15 -27.29
N THR A 73 19.68 -11.58 -26.16
CA THR A 73 18.48 -10.74 -26.09
C THR A 73 18.74 -9.26 -26.41
N GLY A 74 20.01 -8.88 -26.46
CA GLY A 74 20.38 -7.48 -26.61
C GLY A 74 20.11 -6.68 -25.34
N ALA A 75 20.17 -7.34 -24.19
CA ALA A 75 20.01 -6.65 -22.91
C ALA A 75 21.25 -5.79 -22.67
N VAL A 76 21.12 -4.75 -21.85
CA VAL A 76 22.24 -3.84 -21.56
C VAL A 76 22.76 -3.95 -20.12
N ALA A 77 21.97 -4.59 -19.25
CA ALA A 77 22.29 -4.63 -17.84
C ALA A 77 21.76 -5.91 -17.17
N ILE A 78 22.32 -6.22 -16.01
CA ILE A 78 21.93 -7.39 -15.24
C ILE A 78 21.65 -6.97 -13.81
N HIS A 79 20.42 -7.23 -13.34
CA HIS A 79 20.09 -7.04 -11.94
C HIS A 79 20.16 -8.39 -11.22
N PRO A 80 21.10 -8.52 -10.25
CA PRO A 80 21.33 -9.77 -9.52
C PRO A 80 20.36 -10.06 -8.37
N GLY A 81 19.52 -9.10 -8.01
CA GLY A 81 18.63 -9.25 -6.85
C GLY A 81 19.42 -9.40 -5.56
N TYR A 82 18.95 -10.29 -4.69
CA TYR A 82 19.72 -10.73 -3.51
C TYR A 82 19.99 -12.23 -3.61
N GLY A 83 20.86 -12.74 -2.74
CA GLY A 83 21.30 -14.13 -2.83
C GLY A 83 22.05 -14.38 -4.13
N PHE A 84 22.09 -15.63 -4.56
CA PHE A 84 22.78 -16.08 -5.78
C PHE A 84 24.12 -15.40 -6.06
N LEU A 85 24.19 -14.59 -7.11
CA LEU A 85 25.47 -14.00 -7.54
C LEU A 85 25.60 -12.52 -7.16
N SER A 86 24.69 -12.03 -6.33
CA SER A 86 24.58 -10.59 -6.05
C SER A 86 25.80 -10.01 -5.32
N GLU A 87 26.44 -10.85 -4.49
CA GLU A 87 27.64 -10.45 -3.75
C GLU A 87 28.90 -11.12 -4.31
N ASN A 88 28.80 -11.61 -5.55
CA ASN A 88 29.89 -12.31 -6.21
C ASN A 88 30.69 -11.32 -7.06
N ALA A 89 31.85 -10.91 -6.55
CA ALA A 89 32.70 -9.91 -7.17
C ALA A 89 33.21 -10.32 -8.54
N ASN A 90 33.58 -11.60 -8.68
CA ASN A 90 34.01 -12.12 -9.97
C ASN A 90 32.89 -12.08 -11.03
N PHE A 91 31.66 -12.36 -10.61
CA PHE A 91 30.51 -12.24 -11.51
C PHE A 91 30.34 -10.80 -11.99
N ALA A 92 30.33 -9.85 -11.06
CA ALA A 92 30.21 -8.42 -11.39
C ALA A 92 31.33 -7.99 -12.33
N GLU A 93 32.55 -8.44 -12.03
CA GLU A 93 33.71 -8.19 -12.87
C GLU A 93 33.50 -8.73 -14.29
N GLN A 94 33.08 -10.00 -14.40
CA GLN A 94 32.79 -10.63 -15.70
C GLN A 94 31.69 -9.92 -16.48
N VAL A 95 30.63 -9.51 -15.77
CA VAL A 95 29.53 -8.76 -16.39
C VAL A 95 30.03 -7.46 -17.04
N GLU A 96 30.79 -6.67 -16.27
CA GLU A 96 31.37 -5.43 -16.79
C GLU A 96 32.38 -5.66 -17.92
N ARG A 97 33.23 -6.68 -17.76
CA ARG A 97 34.16 -7.10 -18.84
C ARG A 97 33.43 -7.48 -20.11
N SER A 98 32.29 -8.14 -19.97
CA SER A 98 31.48 -8.55 -21.12
C SER A 98 30.77 -7.37 -21.79
N GLY A 99 30.78 -6.21 -21.11
CA GLY A 99 30.26 -4.97 -21.67
C GLY A 99 28.85 -4.62 -21.22
N PHE A 100 28.36 -5.34 -20.22
CA PHE A 100 27.03 -5.08 -19.64
C PHE A 100 27.15 -4.31 -18.34
N ILE A 101 26.07 -3.62 -17.98
CA ILE A 101 25.99 -2.91 -16.71
C ILE A 101 25.56 -3.87 -15.61
N PHE A 102 26.33 -3.89 -14.53
CA PHE A 102 25.97 -4.64 -13.33
C PHE A 102 25.25 -3.67 -12.40
N ILE A 103 24.01 -4.01 -12.03
CA ILE A 103 23.22 -3.17 -11.13
C ILE A 103 23.65 -3.43 -9.69
N GLY A 104 24.64 -2.65 -9.28
CA GLY A 104 25.31 -2.79 -8.00
C GLY A 104 26.56 -1.92 -8.01
N PRO A 105 27.43 -2.09 -7.00
CA PRO A 105 28.65 -1.31 -6.94
C PRO A 105 29.66 -1.83 -7.95
N LYS A 106 30.82 -1.20 -8.01
CA LYS A 106 31.97 -1.74 -8.75
C LYS A 106 32.39 -3.05 -8.11
N ALA A 107 32.90 -3.97 -8.94
CA ALA A 107 33.39 -5.27 -8.44
C ALA A 107 34.42 -5.12 -7.31
N GLU A 108 35.30 -4.12 -7.43
CA GLU A 108 36.26 -3.80 -6.37
C GLU A 108 35.62 -3.54 -5.02
N THR A 109 34.48 -2.84 -5.02
CA THR A 109 33.78 -2.47 -3.81
C THR A 109 33.08 -3.70 -3.21
N ILE A 110 32.49 -4.53 -4.06
CA ILE A 110 31.91 -5.81 -3.64
C ILE A 110 32.98 -6.67 -2.97
N ARG A 111 34.16 -6.71 -3.58
CA ARG A 111 35.30 -7.48 -3.07
C ARG A 111 35.75 -6.95 -1.69
N LEU A 112 35.84 -5.63 -1.58
CA LEU A 112 36.22 -4.97 -0.33
C LEU A 112 35.28 -5.33 0.81
N MET A 113 33.98 -5.32 0.53
CA MET A 113 32.97 -5.54 1.56
C MET A 113 32.77 -7.02 1.86
N GLY A 114 33.17 -7.89 0.93
CA GLY A 114 33.09 -9.33 1.14
C GLY A 114 34.24 -9.88 1.98
N ASP A 115 35.31 -9.08 2.08
CA ASP A 115 36.45 -9.39 2.93
C ASP A 115 36.19 -8.59 4.20
N LYS A 116 35.73 -9.28 5.24
CA LYS A 116 35.27 -8.62 6.47
C LYS A 116 36.37 -7.85 7.20
N VAL A 117 37.59 -8.37 7.18
CA VAL A 117 38.73 -7.66 7.77
C VAL A 117 38.99 -6.34 7.04
N SER A 118 39.10 -6.37 5.71
CA SER A 118 39.36 -5.16 4.93
C SER A 118 38.18 -4.17 4.99
N ALA A 119 36.96 -4.70 5.05
CA ALA A 119 35.75 -3.88 5.17
C ALA A 119 35.77 -3.09 6.48
N ILE A 120 36.08 -3.76 7.58
CA ILE A 120 36.18 -3.14 8.91
C ILE A 120 37.25 -2.05 8.98
N ALA A 121 38.42 -2.34 8.40
CA ALA A 121 39.52 -1.38 8.34
C ALA A 121 39.12 -0.14 7.55
N ALA A 122 38.37 -0.33 6.46
CA ALA A 122 37.87 0.79 5.67
C ALA A 122 36.85 1.62 6.45
N MET A 123 35.94 0.94 7.17
CA MET A 123 34.91 1.64 7.96
C MET A 123 35.51 2.42 9.14
N LYS A 124 36.44 1.78 9.85
CA LYS A 124 37.14 2.40 10.99
C LYS A 124 37.89 3.65 10.53
N LYS A 125 38.62 3.52 9.42
CA LYS A 125 39.30 4.67 8.79
C LYS A 125 38.31 5.80 8.41
N ALA A 126 37.11 5.41 7.97
CA ALA A 126 36.10 6.38 7.55
C ALA A 126 35.38 7.06 8.70
N GLY A 127 35.59 6.56 9.92
CA GLY A 127 34.94 7.11 11.11
C GLY A 127 33.68 6.41 11.55
N VAL A 128 33.39 5.26 10.95
CA VAL A 128 32.25 4.43 11.34
C VAL A 128 32.67 3.63 12.57
N PRO A 129 31.83 3.64 13.63
CA PRO A 129 32.16 2.88 14.84
C PRO A 129 32.05 1.37 14.60
N CYS A 130 33.10 0.65 14.98
CA CYS A 130 33.18 -0.80 14.82
C CYS A 130 33.28 -1.47 16.19
N VAL A 131 33.23 -2.80 16.22
CA VAL A 131 33.38 -3.58 17.45
C VAL A 131 34.88 -3.61 17.82
N PRO A 132 35.20 -3.42 19.12
CA PRO A 132 36.61 -3.61 19.52
C PRO A 132 37.07 -5.01 19.09
N GLY A 133 38.23 -5.07 18.45
CA GLY A 133 38.71 -6.31 17.87
C GLY A 133 40.18 -6.31 17.53
N SER A 134 40.60 -7.35 16.81
CA SER A 134 42.00 -7.58 16.48
C SER A 134 42.54 -6.56 15.48
N ASP A 135 41.64 -5.90 14.75
CA ASP A 135 42.01 -4.98 13.67
C ASP A 135 43.07 -5.61 12.75
N GLY A 136 42.74 -6.79 12.24
CA GLY A 136 43.66 -7.53 11.42
C GLY A 136 43.42 -9.01 11.57
N PRO A 137 43.99 -9.80 10.65
CA PRO A 137 43.82 -11.24 10.72
C PRO A 137 44.64 -11.84 11.86
N LEU A 138 44.13 -12.91 12.46
CA LEU A 138 44.88 -13.67 13.47
C LEU A 138 45.85 -14.63 12.81
N GLY A 139 47.09 -14.64 13.30
CA GLY A 139 48.09 -15.60 12.83
C GLY A 139 48.08 -16.87 13.67
N ASP A 140 49.16 -17.65 13.57
CA ASP A 140 49.27 -18.93 14.27
C ASP A 140 49.86 -18.81 15.68
N ASP A 141 50.39 -17.64 16.01
CA ASP A 141 51.01 -17.40 17.32
C ASP A 141 49.96 -17.29 18.43
N MET A 142 49.78 -18.37 19.17
CA MET A 142 48.75 -18.44 20.21
C MET A 142 49.03 -17.58 21.45
N ASP A 143 50.31 -17.24 21.66
CA ASP A 143 50.67 -16.27 22.71
C ASP A 143 50.16 -14.89 22.30
N LYS A 144 50.41 -14.50 21.06
CA LYS A 144 49.85 -13.25 20.51
C LYS A 144 48.31 -13.28 20.56
N ASN A 145 47.73 -14.41 20.15
CA ASN A 145 46.27 -14.54 20.14
C ASN A 145 45.62 -14.40 21.53
N ARG A 146 46.22 -15.03 22.55
CA ARG A 146 45.80 -14.84 23.95
C ARG A 146 45.93 -13.38 24.40
N ALA A 147 47.02 -12.72 23.99
CA ALA A 147 47.24 -11.30 24.30
C ALA A 147 46.16 -10.41 23.69
N ILE A 148 45.77 -10.70 22.44
CA ILE A 148 44.69 -9.94 21.78
C ILE A 148 43.37 -10.12 22.52
N ALA A 149 43.04 -11.37 22.85
CA ALA A 149 41.83 -11.67 23.62
C ALA A 149 41.81 -11.00 25.00
N LYS A 150 42.95 -10.95 25.68
CA LYS A 150 43.08 -10.26 26.98
C LYS A 150 42.85 -8.74 26.81
N ARG A 151 43.52 -8.15 25.82
CA ARG A 151 43.34 -6.74 25.46
C ARG A 151 41.87 -6.39 25.24
N ILE A 152 41.19 -7.18 24.41
CA ILE A 152 39.77 -6.99 24.11
C ILE A 152 38.89 -7.24 25.35
N GLY A 153 39.22 -8.30 26.09
CA GLY A 153 38.41 -8.73 27.23
C GLY A 153 37.41 -9.77 26.81
N TYR A 154 37.46 -10.93 27.45
CA TYR A 154 36.50 -12.00 27.21
C TYR A 154 35.11 -11.57 27.69
N PRO A 155 34.04 -12.11 27.08
CA PRO A 155 34.01 -13.06 25.96
C PRO A 155 34.38 -12.42 24.62
N VAL A 156 35.02 -13.22 23.77
CA VAL A 156 35.36 -12.78 22.41
C VAL A 156 34.68 -13.71 21.40
N ILE A 157 34.66 -13.28 20.14
CA ILE A 157 34.13 -14.10 19.05
C ILE A 157 35.15 -14.16 17.90
N ILE A 158 35.42 -15.37 17.42
CA ILE A 158 36.30 -15.58 16.28
C ILE A 158 35.44 -15.65 15.03
N LYS A 159 35.82 -14.90 13.99
CA LYS A 159 35.03 -14.80 12.76
C LYS A 159 35.87 -15.01 11.51
N ALA A 160 35.30 -15.69 10.53
CA ALA A 160 35.91 -15.84 9.21
C ALA A 160 35.76 -14.55 8.40
N SER A 161 36.86 -14.11 7.80
CA SER A 161 36.89 -12.89 6.99
C SER A 161 36.08 -13.06 5.70
N GLY A 162 36.07 -14.27 5.14
CA GLY A 162 35.25 -14.59 3.97
C GLY A 162 33.83 -14.97 4.34
N GLY A 163 33.52 -14.94 5.63
CA GLY A 163 32.21 -15.31 6.15
C GLY A 163 31.23 -14.15 6.25
N GLY A 164 30.26 -14.29 7.15
CA GLY A 164 29.24 -13.26 7.38
C GLY A 164 27.87 -13.84 7.64
N GLY A 165 26.98 -12.99 8.17
CA GLY A 165 25.59 -13.35 8.47
C GLY A 165 25.41 -14.54 9.40
N GLY A 166 26.30 -14.66 10.38
CA GLY A 166 26.29 -15.80 11.31
C GLY A 166 27.06 -17.01 10.83
N ARG A 167 27.50 -17.02 9.59
CA ARG A 167 28.33 -18.11 9.07
C ARG A 167 29.81 -17.90 9.42
N GLY A 168 30.46 -18.99 9.83
CA GLY A 168 31.89 -18.99 10.09
C GLY A 168 32.29 -18.24 11.34
N MET A 169 31.76 -18.68 12.50
CA MET A 169 32.12 -18.06 13.78
C MET A 169 31.84 -18.91 15.01
N ARG A 170 32.61 -18.66 16.07
CA ARG A 170 32.30 -19.22 17.39
C ARG A 170 32.75 -18.33 18.55
N VAL A 171 31.97 -18.36 19.62
CA VAL A 171 32.21 -17.58 20.83
C VAL A 171 33.25 -18.26 21.72
N VAL A 172 34.15 -17.45 22.27
CA VAL A 172 35.17 -17.92 23.22
C VAL A 172 35.00 -17.17 24.55
N ARG A 173 34.93 -17.92 25.65
CA ARG A 173 34.66 -17.31 26.95
C ARG A 173 35.84 -17.36 27.90
N GLY A 174 36.92 -18.01 27.49
CA GLY A 174 38.17 -18.04 28.25
C GLY A 174 39.34 -18.60 27.46
N ASP A 175 40.54 -18.44 28.01
CA ASP A 175 41.79 -18.90 27.38
C ASP A 175 41.77 -20.36 26.98
N ALA A 176 41.18 -21.21 27.82
CA ALA A 176 41.21 -22.66 27.64
C ALA A 176 40.64 -23.13 26.30
N GLU A 177 39.66 -22.39 25.77
CA GLU A 177 38.97 -22.76 24.53
C GLU A 177 39.45 -21.98 23.30
N LEU A 178 40.33 -21.00 23.51
CA LEU A 178 40.77 -20.09 22.46
C LEU A 178 41.48 -20.73 21.27
N ALA A 179 42.51 -21.55 21.55
CA ALA A 179 43.30 -22.18 20.50
C ALA A 179 42.46 -23.08 19.59
N GLN A 180 41.67 -23.97 20.21
CA GLN A 180 40.79 -24.86 19.47
C GLN A 180 39.71 -24.11 18.71
N SER A 181 39.17 -23.06 19.32
CA SER A 181 38.16 -22.22 18.69
C SER A 181 38.66 -21.51 17.44
N ILE A 182 39.90 -21.01 17.50
CA ILE A 182 40.51 -20.36 16.34
C ILE A 182 40.77 -21.41 15.26
N SER A 183 41.37 -22.53 15.67
CA SER A 183 41.71 -23.63 14.77
C SER A 183 40.49 -24.18 14.01
N MET A 184 39.38 -24.40 14.73
CA MET A 184 38.15 -24.89 14.13
C MET A 184 37.50 -23.88 13.18
N THR A 185 37.42 -22.60 13.60
CA THR A 185 36.84 -21.56 12.75
C THR A 185 37.65 -21.46 11.45
N ARG A 186 38.98 -21.50 11.60
CA ARG A 186 39.90 -21.48 10.47
C ARG A 186 39.65 -22.65 9.50
N ALA A 187 39.52 -23.86 10.04
CA ALA A 187 39.29 -25.06 9.23
C ALA A 187 37.96 -24.96 8.47
N GLU A 188 36.93 -24.54 9.18
CA GLU A 188 35.60 -24.32 8.60
C GLU A 188 35.60 -23.26 7.51
N ALA A 189 36.40 -22.20 7.69
CA ALA A 189 36.52 -21.12 6.72
C ALA A 189 37.29 -21.55 5.45
N LYS A 190 38.31 -22.38 5.64
CA LYS A 190 39.05 -22.96 4.51
C LYS A 190 38.13 -23.88 3.70
N ALA A 191 37.30 -24.67 4.38
CA ALA A 191 36.39 -25.60 3.72
C ALA A 191 35.28 -24.88 2.96
N ALA A 192 34.73 -23.83 3.58
CA ALA A 192 33.56 -23.14 3.03
C ALA A 192 33.91 -22.00 2.08
N PHE A 193 35.00 -21.29 2.35
CA PHE A 193 35.31 -20.06 1.60
C PHE A 193 36.63 -20.10 0.81
N SER A 194 37.33 -21.25 0.88
CA SER A 194 38.72 -21.37 0.42
C SER A 194 39.56 -20.14 0.80
N ASN A 195 39.34 -19.70 2.04
CA ASN A 195 39.96 -18.52 2.61
C ASN A 195 39.94 -18.76 4.11
N ASP A 196 41.10 -19.09 4.66
CA ASP A 196 41.19 -19.48 6.07
C ASP A 196 41.43 -18.30 7.03
N MET A 197 41.30 -17.08 6.52
CA MET A 197 41.53 -15.89 7.33
C MET A 197 40.44 -15.67 8.36
N VAL A 198 40.86 -15.49 9.61
CA VAL A 198 39.95 -15.22 10.72
C VAL A 198 40.37 -13.98 11.49
N TYR A 199 39.42 -13.40 12.21
CA TYR A 199 39.68 -12.25 13.07
C TYR A 199 38.93 -12.38 14.40
N MET A 200 39.21 -11.47 15.31
CA MET A 200 38.62 -11.49 16.63
C MET A 200 37.85 -10.20 16.92
N GLU A 201 36.69 -10.34 17.56
CA GLU A 201 35.93 -9.20 18.05
C GLU A 201 35.51 -9.48 19.48
N LYS A 202 35.24 -8.41 20.25
CA LYS A 202 34.50 -8.51 21.50
C LYS A 202 33.16 -9.12 21.18
N TYR A 203 32.78 -10.14 21.95
CA TYR A 203 31.46 -10.70 21.82
C TYR A 203 30.45 -9.85 22.60
N LEU A 204 29.51 -9.25 21.88
CA LEU A 204 28.42 -8.51 22.52
C LEU A 204 27.35 -9.48 23.00
N GLU A 205 26.97 -9.35 24.27
CA GLU A 205 26.11 -10.35 24.91
C GLU A 205 24.65 -10.28 24.50
N ASN A 206 24.06 -9.09 24.53
CA ASN A 206 22.65 -8.94 24.13
C ASN A 206 22.33 -7.76 23.17
N PRO A 207 22.92 -7.77 21.96
CA PRO A 207 22.69 -6.64 21.07
C PRO A 207 21.41 -6.79 20.24
N ARG A 208 20.98 -5.69 19.63
CA ARG A 208 19.95 -5.69 18.60
C ARG A 208 20.63 -5.57 17.23
N HIS A 209 19.98 -6.09 16.19
CA HIS A 209 20.47 -5.92 14.83
C HIS A 209 19.81 -4.67 14.26
N VAL A 210 20.60 -3.63 14.03
CA VAL A 210 20.10 -2.39 13.45
C VAL A 210 20.96 -2.03 12.25
N GLU A 211 20.34 -1.94 11.08
CA GLU A 211 21.08 -1.73 9.85
C GLU A 211 20.65 -0.44 9.16
N ILE A 212 21.60 0.22 8.53
CA ILE A 212 21.33 1.49 7.85
C ILE A 212 21.27 1.29 6.33
N GLN A 213 20.20 1.78 5.72
CA GLN A 213 20.05 1.81 4.26
C GLN A 213 20.74 3.04 3.65
N VAL A 214 21.59 2.82 2.66
CA VAL A 214 22.16 3.93 1.88
C VAL A 214 21.84 3.82 0.39
N LEU A 215 21.98 4.95 -0.29
CA LEU A 215 22.00 5.01 -1.75
C LEU A 215 23.11 5.98 -2.14
N ALA A 216 23.92 5.58 -3.12
CA ALA A 216 24.95 6.46 -3.66
C ALA A 216 24.91 6.41 -5.18
N ASP A 217 24.94 7.58 -5.80
CA ASP A 217 24.92 7.67 -7.26
C ASP A 217 26.34 7.86 -7.82
N GLY A 218 26.46 7.98 -9.14
CA GLY A 218 27.76 8.23 -9.77
C GLY A 218 28.08 9.71 -9.88
N GLN A 219 27.21 10.57 -9.35
CA GLN A 219 27.46 12.03 -9.29
C GLN A 219 28.06 12.46 -7.96
N GLY A 220 28.35 11.50 -7.09
CA GLY A 220 28.96 11.79 -5.80
C GLY A 220 27.97 12.04 -4.66
N ASN A 221 26.69 11.88 -4.93
CA ASN A 221 25.69 11.99 -3.86
C ASN A 221 25.56 10.67 -3.12
N ALA A 222 25.50 10.76 -1.78
CA ALA A 222 25.23 9.59 -0.95
C ALA A 222 24.32 9.99 0.19
N ILE A 223 23.27 9.20 0.40
CA ILE A 223 22.27 9.51 1.41
C ILE A 223 22.00 8.28 2.25
N TYR A 224 21.47 8.50 3.45
CA TYR A 224 21.00 7.41 4.30
C TYR A 224 19.49 7.49 4.43
N LEU A 225 18.84 6.33 4.43
CA LEU A 225 17.38 6.26 4.47
C LEU A 225 16.95 5.53 5.73
N ALA A 226 17.33 6.12 6.87
CA ALA A 226 17.02 5.59 8.19
C ALA A 226 17.52 4.16 8.37
N GLU A 227 16.89 3.43 9.28
CA GLU A 227 17.39 2.15 9.74
C GLU A 227 16.31 1.10 9.78
N ARG A 228 16.72 -0.15 9.91
CA ARG A 228 15.82 -1.28 10.16
C ARG A 228 16.29 -2.11 11.37
N ASP A 229 15.34 -2.53 12.19
CA ASP A 229 15.65 -3.51 13.21
C ASP A 229 15.32 -4.90 12.67
N CYS A 230 16.29 -5.79 12.73
CA CYS A 230 16.14 -7.15 12.21
C CYS A 230 16.56 -8.20 13.23
N SER A 231 16.34 -7.89 14.50
CA SER A 231 16.76 -8.74 15.62
C SER A 231 16.00 -10.05 15.74
N MET A 232 14.76 -10.07 15.24
CA MET A 232 13.90 -11.27 15.34
C MET A 232 14.41 -12.31 14.34
N GLN A 233 15.15 -13.29 14.85
CA GLN A 233 15.90 -14.23 14.02
C GLN A 233 15.79 -15.66 14.51
N ARG A 234 15.99 -16.61 13.59
CA ARG A 234 16.18 -18.01 13.96
C ARG A 234 17.34 -18.54 13.15
N ARG A 235 18.33 -19.13 13.84
CA ARG A 235 19.58 -19.56 13.23
C ARG A 235 20.18 -18.50 12.31
N HIS A 236 20.20 -17.27 12.80
CA HIS A 236 20.79 -16.12 12.09
C HIS A 236 19.98 -15.66 10.87
N GLN A 237 18.81 -16.26 10.67
CA GLN A 237 17.92 -15.90 9.59
C GLN A 237 16.85 -14.94 10.11
N LYS A 238 16.73 -13.78 9.49
CA LYS A 238 15.69 -12.81 9.86
C LYS A 238 14.30 -13.39 9.63
N VAL A 239 13.40 -13.06 10.55
CA VAL A 239 12.03 -13.57 10.51
C VAL A 239 11.09 -12.37 10.41
N VAL A 240 11.36 -11.35 11.21
CA VAL A 240 10.64 -10.08 11.19
C VAL A 240 11.64 -8.93 11.08
N GLU A 241 11.30 -7.94 10.24
CA GLU A 241 12.07 -6.70 10.18
C GLU A 241 11.13 -5.50 10.32
N GLU A 242 11.63 -4.42 10.90
CA GLU A 242 10.84 -3.20 11.02
C GLU A 242 11.64 -1.91 10.82
N ALA A 243 10.93 -0.86 10.44
CA ALA A 243 11.50 0.46 10.24
C ALA A 243 10.52 1.54 10.71
N PRO A 244 11.02 2.58 11.42
CA PRO A 244 12.37 2.73 11.97
C PRO A 244 12.60 1.76 13.14
N ALA A 245 13.81 1.75 13.70
CA ALA A 245 14.08 0.88 14.83
C ALA A 245 13.59 1.53 16.12
N PRO A 246 12.79 0.80 16.92
CA PRO A 246 12.24 1.35 18.16
C PRO A 246 13.33 1.87 19.13
N GLY A 247 13.09 3.05 19.69
CA GLY A 247 14.03 3.64 20.64
C GLY A 247 15.17 4.44 20.02
N ILE A 248 15.31 4.34 18.69
CA ILE A 248 16.30 5.15 17.98
C ILE A 248 15.73 6.56 17.81
N THR A 249 16.41 7.53 18.41
CA THR A 249 16.00 8.93 18.33
C THR A 249 16.45 9.53 17.00
N PRO A 250 15.82 10.64 16.58
CA PRO A 250 16.29 11.37 15.40
C PRO A 250 17.77 11.75 15.50
N GLU A 251 18.25 12.01 16.72
CA GLU A 251 19.66 12.39 16.95
C GLU A 251 20.64 11.23 16.71
N LEU A 252 20.30 10.05 17.23
CA LEU A 252 21.07 8.83 16.96
C LEU A 252 21.06 8.46 15.48
N ARG A 253 19.87 8.49 14.88
CA ARG A 253 19.67 8.19 13.46
C ARG A 253 20.61 9.06 12.60
N ARG A 254 20.57 10.36 12.89
CA ARG A 254 21.39 11.35 12.21
C ARG A 254 22.88 11.09 12.42
N TYR A 255 23.24 10.76 13.67
CA TYR A 255 24.63 10.47 14.02
C TYR A 255 25.21 9.34 13.17
N ILE A 256 24.57 8.16 13.24
CA ILE A 256 25.05 6.98 12.57
C ILE A 256 24.86 7.07 11.06
N GLY A 257 23.74 7.65 10.65
CA GLY A 257 23.41 7.80 9.24
C GLY A 257 24.43 8.63 8.47
N GLU A 258 24.80 9.78 9.05
CA GLU A 258 25.82 10.66 8.43
C GLU A 258 27.18 9.99 8.31
N ARG A 259 27.54 9.15 9.28
CA ARG A 259 28.79 8.42 9.22
C ARG A 259 28.79 7.36 8.13
N CYS A 260 27.62 6.76 7.89
CA CYS A 260 27.45 5.76 6.82
C CYS A 260 27.55 6.41 5.44
N ALA A 261 26.89 7.56 5.28
CA ALA A 261 26.97 8.33 4.04
C ALA A 261 28.41 8.80 3.75
N LYS A 262 29.09 9.27 4.80
CA LYS A 262 30.48 9.72 4.65
C LYS A 262 31.37 8.56 4.19
N ALA A 263 31.19 7.39 4.81
CA ALA A 263 31.91 6.18 4.44
C ALA A 263 31.69 5.80 2.98
N CYS A 264 30.45 5.94 2.50
CA CYS A 264 30.12 5.73 1.07
C CYS A 264 30.97 6.63 0.17
N VAL A 265 31.06 7.90 0.55
CA VAL A 265 31.84 8.88 -0.21
C VAL A 265 33.31 8.48 -0.23
N ASP A 266 33.85 8.12 0.94
CA ASP A 266 35.25 7.76 1.11
C ASP A 266 35.68 6.58 0.24
N ILE A 267 34.80 5.59 0.13
CA ILE A 267 35.13 4.36 -0.58
C ILE A 267 34.64 4.32 -2.04
N GLY A 268 33.98 5.38 -2.49
CA GLY A 268 33.40 5.41 -3.84
C GLY A 268 32.29 4.38 -4.04
N TYR A 269 31.43 4.24 -3.04
CA TYR A 269 30.28 3.35 -3.13
C TYR A 269 29.30 3.84 -4.21
N ARG A 270 28.60 2.89 -4.83
CA ARG A 270 27.59 3.18 -5.84
C ARG A 270 26.40 2.21 -5.69
N GLY A 271 25.19 2.77 -5.70
CA GLY A 271 23.97 1.97 -5.65
C GLY A 271 23.39 1.86 -4.26
N ALA A 272 22.50 0.88 -4.09
CA ALA A 272 21.96 0.55 -2.76
C ALA A 272 23.02 -0.19 -1.97
N GLY A 273 23.02 0.05 -0.67
CA GLY A 273 23.85 -0.72 0.25
C GLY A 273 23.28 -0.68 1.64
N THR A 274 23.71 -1.62 2.47
CA THR A 274 23.25 -1.71 3.87
C THR A 274 24.43 -1.87 4.83
N PHE A 275 24.56 -0.94 5.77
CA PHE A 275 25.52 -1.07 6.86
C PHE A 275 24.86 -1.78 8.05
N GLU A 276 25.34 -2.99 8.37
CA GLU A 276 24.84 -3.75 9.51
C GLU A 276 25.58 -3.40 10.78
N PHE A 277 24.83 -3.07 11.83
CA PHE A 277 25.38 -2.76 13.13
C PHE A 277 24.77 -3.67 14.19
N LEU A 278 25.54 -3.92 15.24
CA LEU A 278 24.99 -4.35 16.50
C LEU A 278 24.75 -3.11 17.33
N PHE A 279 23.58 -3.04 17.96
CA PHE A 279 23.21 -1.90 18.78
C PHE A 279 22.97 -2.40 20.21
N GLU A 280 23.73 -1.84 21.16
CA GLU A 280 23.69 -2.27 22.56
C GLU A 280 24.11 -1.11 23.46
N ASN A 281 23.39 -0.94 24.57
CA ASN A 281 23.63 0.16 25.51
C ASN A 281 23.78 1.52 24.79
N GLY A 282 22.89 1.77 23.84
CA GLY A 282 22.86 3.05 23.12
C GLY A 282 23.98 3.34 22.13
N GLU A 283 24.76 2.31 21.78
CA GLU A 283 25.92 2.44 20.89
C GLU A 283 25.80 1.54 19.66
N PHE A 284 26.27 2.03 18.51
CA PHE A 284 26.37 1.23 17.29
C PHE A 284 27.76 0.63 17.12
N TYR A 285 27.83 -0.59 16.61
CA TYR A 285 29.09 -1.24 16.25
C TYR A 285 28.93 -1.95 14.92
N PHE A 286 29.66 -1.47 13.92
CA PHE A 286 29.63 -2.04 12.57
C PHE A 286 30.16 -3.47 12.58
N ILE A 287 29.45 -4.36 11.91
CA ILE A 287 29.89 -5.73 11.74
C ILE A 287 30.14 -6.11 10.28
N GLU A 288 29.25 -5.68 9.39
CA GLU A 288 29.39 -5.97 7.97
C GLU A 288 28.53 -5.09 7.08
N MET A 289 28.90 -5.02 5.81
CA MET A 289 28.13 -4.29 4.82
C MET A 289 27.67 -5.25 3.72
N ASN A 290 26.39 -5.13 3.36
CA ASN A 290 25.85 -5.80 2.19
C ASN A 290 25.72 -4.83 1.03
N THR A 291 26.16 -5.26 -0.15
CA THR A 291 26.20 -4.37 -1.32
C THR A 291 24.95 -4.49 -2.19
N ARG A 292 24.12 -5.47 -1.88
CA ARG A 292 22.95 -5.79 -2.67
C ARG A 292 21.74 -5.03 -2.10
N ILE A 293 20.64 -5.01 -2.86
CA ILE A 293 19.33 -4.74 -2.29
C ILE A 293 18.99 -5.95 -1.42
N GLN A 294 18.36 -5.72 -0.27
CA GLN A 294 18.06 -6.84 0.61
C GLN A 294 16.60 -7.22 0.64
N VAL A 295 16.34 -8.43 1.12
CA VAL A 295 14.98 -8.94 1.36
C VAL A 295 14.08 -7.87 2.00
N GLU A 296 14.59 -7.24 3.06
CA GLU A 296 13.78 -6.38 3.92
C GLU A 296 13.68 -4.91 3.49
N HIS A 297 14.15 -4.61 2.28
CA HIS A 297 14.08 -3.25 1.73
C HIS A 297 12.69 -2.57 1.74
N PRO A 298 11.58 -3.34 1.56
CA PRO A 298 10.25 -2.70 1.56
C PRO A 298 9.87 -1.89 2.82
N VAL A 299 10.29 -2.30 4.01
CA VAL A 299 9.97 -1.51 5.22
C VAL A 299 10.55 -0.08 5.12
N THR A 300 11.74 0.03 4.54
CA THR A 300 12.38 1.34 4.33
C THR A 300 11.63 2.18 3.31
N GLU A 301 11.18 1.54 2.23
CA GLU A 301 10.37 2.22 1.21
C GLU A 301 9.08 2.79 1.80
N MET A 302 8.45 2.04 2.72
CA MET A 302 7.16 2.46 3.31
C MET A 302 7.27 3.72 4.16
N ILE A 303 8.36 3.83 4.92
CA ILE A 303 8.53 4.97 5.83
C ILE A 303 9.22 6.19 5.20
N THR A 304 9.75 6.05 3.98
CA THR A 304 10.45 7.16 3.29
C THR A 304 9.82 7.60 1.99
N GLY A 305 9.01 6.73 1.37
CA GLY A 305 8.43 7.00 0.05
C GLY A 305 9.39 6.74 -1.10
N VAL A 306 10.60 6.29 -0.78
CA VAL A 306 11.61 6.06 -1.82
C VAL A 306 11.57 4.62 -2.34
N ASP A 307 11.40 4.49 -3.65
CA ASP A 307 11.40 3.22 -4.34
C ASP A 307 12.87 2.85 -4.61
N LEU A 308 13.37 1.87 -3.86
CA LEU A 308 14.81 1.61 -3.84
C LEU A 308 15.29 0.89 -5.08
N ILE A 309 14.44 0.03 -5.62
CA ILE A 309 14.76 -0.68 -6.86
C ILE A 309 14.82 0.30 -8.04
N LYS A 310 13.83 1.19 -8.14
CA LYS A 310 13.89 2.24 -9.17
C LYS A 310 15.12 3.13 -9.03
N GLU A 311 15.51 3.44 -7.80
CA GLU A 311 16.76 4.19 -7.57
C GLU A 311 17.97 3.41 -8.09
N GLN A 312 18.03 2.11 -7.81
CA GLN A 312 19.11 1.26 -8.31
C GLN A 312 19.23 1.39 -9.83
N LEU A 313 18.09 1.30 -10.51
CA LEU A 313 18.02 1.38 -11.95
C LEU A 313 18.41 2.76 -12.48
N ARG A 314 17.94 3.80 -11.80
CA ARG A 314 18.29 5.18 -12.16
C ARG A 314 19.79 5.40 -12.01
N ILE A 315 20.35 4.99 -10.86
CA ILE A 315 21.78 5.06 -10.62
C ILE A 315 22.61 4.38 -11.73
N ALA A 316 22.25 3.14 -12.05
CA ALA A 316 22.95 2.36 -13.09
C ALA A 316 22.93 3.02 -14.47
N ALA A 317 21.85 3.73 -14.78
CA ALA A 317 21.72 4.43 -16.05
C ALA A 317 22.50 5.76 -16.11
N GLY A 318 23.00 6.21 -14.95
CA GLY A 318 23.73 7.47 -14.87
C GLY A 318 22.92 8.66 -14.38
N GLN A 319 21.72 8.41 -13.87
CA GLN A 319 20.89 9.46 -13.29
C GLN A 319 21.28 9.67 -11.83
N PRO A 320 21.23 10.94 -11.35
CA PRO A 320 21.51 11.19 -9.94
C PRO A 320 20.35 10.72 -9.07
N LEU A 321 20.60 10.63 -7.76
CA LEU A 321 19.54 10.26 -6.81
C LEU A 321 18.34 11.19 -6.98
N SER A 322 17.14 10.63 -6.95
CA SER A 322 15.93 11.43 -7.13
C SER A 322 15.60 12.31 -5.91
N ILE A 323 16.24 12.03 -4.77
CA ILE A 323 16.05 12.83 -3.54
C ILE A 323 17.35 13.24 -2.85
N LYS A 324 17.31 14.41 -2.20
CA LYS A 324 18.40 14.91 -1.37
C LYS A 324 18.20 14.46 0.08
N GLN A 325 19.26 14.53 0.89
CA GLN A 325 19.18 14.12 2.30
C GLN A 325 18.10 14.88 3.05
N GLU A 326 18.06 16.20 2.85
CA GLU A 326 17.07 17.08 3.50
C GLU A 326 15.63 16.76 3.12
N GLU A 327 15.46 16.00 2.04
CA GLU A 327 14.14 15.58 1.55
C GLU A 327 13.73 14.21 2.07
N VAL A 328 14.65 13.52 2.75
CA VAL A 328 14.36 12.20 3.32
C VAL A 328 13.78 12.34 4.73
N HIS A 329 12.54 11.90 4.90
CA HIS A 329 11.86 12.00 6.20
C HIS A 329 11.25 10.67 6.62
N VAL A 330 11.56 10.24 7.84
CA VAL A 330 10.90 9.08 8.44
C VAL A 330 9.47 9.46 8.80
N ARG A 331 8.52 8.76 8.22
CA ARG A 331 7.11 8.97 8.50
C ARG A 331 6.44 7.63 8.76
N GLY A 332 5.78 7.51 9.91
CA GLY A 332 5.05 6.28 10.24
C GLY A 332 5.96 5.13 10.58
N HIS A 333 5.43 3.91 10.46
CA HIS A 333 6.17 2.72 10.88
C HIS A 333 5.75 1.55 10.00
N ALA A 334 6.71 0.69 9.66
CA ALA A 334 6.41 -0.50 8.87
C ALA A 334 7.02 -1.75 9.49
N VAL A 335 6.30 -2.86 9.39
CA VAL A 335 6.76 -4.18 9.83
C VAL A 335 6.67 -5.13 8.64
N GLU A 336 7.66 -6.00 8.50
CA GLU A 336 7.64 -7.06 7.50
C GLU A 336 7.72 -8.43 8.16
N CYS A 337 6.80 -9.31 7.76
CA CYS A 337 6.86 -10.70 8.15
C CYS A 337 7.21 -11.51 6.93
N ARG A 338 8.31 -12.27 7.03
CA ARG A 338 8.68 -13.21 5.96
C ARG A 338 7.77 -14.43 6.02
N ILE A 339 7.22 -14.80 4.88
CA ILE A 339 6.39 -16.01 4.79
C ILE A 339 7.20 -17.12 4.15
N ASN A 340 7.36 -18.21 4.90
CA ASN A 340 8.20 -19.33 4.51
C ASN A 340 7.38 -20.59 4.34
N ALA A 341 7.67 -21.35 3.30
CA ALA A 341 7.10 -22.68 3.14
C ALA A 341 7.97 -23.62 3.97
N GLU A 342 7.56 -23.86 5.21
CA GLU A 342 8.34 -24.65 6.15
C GLU A 342 7.44 -25.42 7.10
N ASP A 343 7.96 -26.54 7.60
CA ASP A 343 7.27 -27.33 8.61
C ASP A 343 7.40 -26.64 9.98
N PRO A 344 6.27 -26.51 10.72
CA PRO A 344 6.21 -25.82 12.01
C PRO A 344 7.03 -26.46 13.12
N ASN A 345 7.32 -27.74 12.99
CA ASN A 345 8.05 -28.48 14.00
C ASN A 345 9.52 -28.70 13.65
N THR A 346 9.79 -29.01 12.39
CA THR A 346 11.18 -29.27 11.94
C THR A 346 11.89 -28.00 11.46
N PHE A 347 11.10 -27.01 11.04
CA PHE A 347 11.61 -25.78 10.40
C PHE A 347 12.33 -26.07 9.07
N LEU A 348 12.11 -27.27 8.53
CA LEU A 348 12.65 -27.67 7.24
C LEU A 348 11.74 -27.17 6.13
N PRO A 349 12.31 -26.87 4.94
CA PRO A 349 11.48 -26.44 3.82
C PRO A 349 10.34 -27.42 3.56
N SER A 350 9.16 -26.86 3.26
CA SER A 350 7.99 -27.67 2.96
C SER A 350 7.43 -27.29 1.58
N PRO A 351 8.08 -27.78 0.50
CA PRO A 351 7.63 -27.41 -0.86
C PRO A 351 6.37 -28.18 -1.25
N GLY A 352 5.78 -27.81 -2.38
CA GLY A 352 4.58 -28.49 -2.86
C GLY A 352 3.63 -27.54 -3.56
N LYS A 353 2.46 -28.08 -3.91
CA LYS A 353 1.51 -27.32 -4.68
C LYS A 353 0.55 -26.54 -3.80
N ILE A 354 0.50 -25.23 -4.03
CA ILE A 354 -0.48 -24.36 -3.37
C ILE A 354 -1.85 -24.60 -4.02
N THR A 355 -2.84 -24.99 -3.22
CA THR A 355 -4.16 -25.37 -3.75
C THR A 355 -5.15 -24.22 -3.70
N ARG A 356 -5.07 -23.42 -2.65
CA ARG A 356 -5.94 -22.26 -2.48
C ARG A 356 -5.07 -21.13 -1.98
N PHE A 357 -5.23 -19.97 -2.60
CA PHE A 357 -4.43 -18.81 -2.20
C PHE A 357 -5.27 -17.54 -2.15
N HIS A 358 -5.06 -16.78 -1.09
CA HIS A 358 -5.67 -15.47 -0.99
C HIS A 358 -4.73 -14.46 -0.32
N ALA A 359 -4.48 -13.35 -1.02
CA ALA A 359 -3.66 -12.26 -0.48
C ALA A 359 -4.48 -11.27 0.38
N PRO A 360 -3.89 -10.76 1.47
CA PRO A 360 -4.56 -9.69 2.19
C PRO A 360 -4.52 -8.36 1.42
N GLY A 361 -5.44 -7.45 1.74
CA GLY A 361 -5.48 -6.13 1.10
C GLY A 361 -5.77 -5.06 2.12
N GLY A 362 -6.03 -3.85 1.66
CA GLY A 362 -6.41 -2.76 2.56
C GLY A 362 -5.38 -1.65 2.68
N PHE A 363 -5.74 -0.62 3.44
CA PHE A 363 -4.87 0.52 3.72
C PHE A 363 -3.61 0.05 4.45
N GLY A 364 -2.45 0.42 3.91
CA GLY A 364 -1.17 0.12 4.53
C GLY A 364 -0.66 -1.30 4.35
N VAL A 365 -1.36 -2.11 3.55
CA VAL A 365 -1.01 -3.53 3.36
C VAL A 365 -0.30 -3.74 2.01
N ARG A 366 0.87 -4.37 2.08
CA ARG A 366 1.69 -4.62 0.91
C ARG A 366 2.11 -6.08 0.90
N TRP A 367 1.66 -6.81 -0.13
CA TRP A 367 1.97 -8.22 -0.30
C TRP A 367 2.97 -8.42 -1.42
N GLU A 368 4.18 -8.85 -1.06
CA GLU A 368 5.27 -9.08 -2.02
C GLU A 368 5.48 -10.58 -2.23
N SER A 369 4.91 -11.13 -3.30
CA SER A 369 5.03 -12.56 -3.59
C SER A 369 4.66 -12.94 -5.02
N HIS A 370 5.38 -13.93 -5.54
CA HIS A 370 5.09 -14.53 -6.84
C HIS A 370 4.03 -15.65 -6.77
N ILE A 371 3.68 -16.09 -5.56
CA ILE A 371 2.81 -17.27 -5.43
C ILE A 371 1.37 -16.99 -5.89
N TYR A 372 0.72 -18.03 -6.40
CA TYR A 372 -0.68 -17.98 -6.82
C TYR A 372 -1.30 -19.37 -6.63
N ALA A 373 -2.63 -19.45 -6.66
CA ALA A 373 -3.33 -20.74 -6.58
C ALA A 373 -2.94 -21.64 -7.76
N GLY A 374 -2.55 -22.87 -7.45
CA GLY A 374 -2.07 -23.80 -8.47
C GLY A 374 -0.56 -23.78 -8.68
N TYR A 375 0.12 -22.79 -8.09
CA TYR A 375 1.58 -22.70 -8.18
C TYR A 375 2.24 -23.75 -7.31
N THR A 376 3.25 -24.40 -7.88
CA THR A 376 4.08 -25.35 -7.14
C THR A 376 5.37 -24.70 -6.67
N VAL A 377 5.58 -24.74 -5.36
CA VAL A 377 6.84 -24.32 -4.76
C VAL A 377 7.84 -25.47 -4.95
N PRO A 378 8.92 -25.22 -5.74
CA PRO A 378 9.92 -26.27 -6.01
C PRO A 378 10.79 -26.53 -4.79
N PRO A 379 11.36 -27.76 -4.67
CA PRO A 379 12.25 -28.08 -3.55
C PRO A 379 13.68 -27.50 -3.63
N TYR A 380 14.01 -26.88 -4.76
CA TYR A 380 15.41 -26.56 -5.11
C TYR A 380 15.94 -25.24 -4.58
N TYR A 381 15.03 -24.40 -4.09
CA TYR A 381 15.38 -23.02 -3.76
C TYR A 381 15.04 -22.65 -2.31
N ASP A 382 15.19 -21.38 -1.97
CA ASP A 382 14.96 -20.92 -0.59
C ASP A 382 13.48 -21.08 -0.20
N SER A 383 13.24 -21.24 1.10
CA SER A 383 11.91 -21.49 1.63
C SER A 383 11.00 -20.27 1.67
N MET A 384 11.57 -19.06 1.54
CA MET A 384 10.79 -17.84 1.55
C MET A 384 9.99 -17.66 0.27
N ILE A 385 8.67 -17.68 0.41
CA ILE A 385 7.75 -17.61 -0.73
C ILE A 385 7.05 -16.26 -0.86
N GLY A 386 7.05 -15.46 0.20
CA GLY A 386 6.43 -14.14 0.19
C GLY A 386 6.85 -13.25 1.33
N LYS A 387 6.46 -11.98 1.26
CA LYS A 387 6.74 -11.00 2.29
C LYS A 387 5.49 -10.18 2.54
N LEU A 388 5.04 -10.14 3.78
CA LEU A 388 3.89 -9.32 4.14
C LEU A 388 4.41 -8.08 4.84
N ILE A 389 4.15 -6.92 4.25
CA ILE A 389 4.61 -5.66 4.80
C ILE A 389 3.40 -4.78 5.14
N CYS A 390 3.33 -4.33 6.40
CA CYS A 390 2.25 -3.45 6.84
C CYS A 390 2.78 -2.13 7.41
N TYR A 391 2.18 -1.04 6.93
CA TYR A 391 2.55 0.31 7.31
C TYR A 391 1.45 0.94 8.16
N GLY A 392 1.85 1.69 9.18
CA GLY A 392 0.91 2.47 9.99
C GLY A 392 1.49 3.82 10.34
N GLU A 393 0.64 4.72 10.82
CA GLU A 393 1.06 6.04 11.30
C GLU A 393 1.96 5.93 12.54
N ASN A 394 1.87 4.81 13.23
CA ASN A 394 2.77 4.48 14.33
C ASN A 394 2.98 2.97 14.42
N ARG A 395 3.87 2.52 15.30
CA ARG A 395 4.20 1.10 15.42
C ARG A 395 3.00 0.23 15.80
N ASP A 396 2.18 0.69 16.74
CA ASP A 396 0.98 -0.06 17.14
C ASP A 396 0.00 -0.30 15.97
N VAL A 397 -0.20 0.71 15.13
CA VAL A 397 -1.04 0.55 13.93
C VAL A 397 -0.44 -0.47 12.93
N ALA A 398 0.86 -0.36 12.67
CA ALA A 398 1.53 -1.32 11.78
C ALA A 398 1.34 -2.76 12.24
N ILE A 399 1.54 -3.00 13.53
CA ILE A 399 1.39 -4.32 14.15
C ILE A 399 -0.07 -4.80 14.13
N ALA A 400 -1.01 -3.88 14.43
CA ALA A 400 -2.44 -4.17 14.34
C ALA A 400 -2.81 -4.59 12.92
N ARG A 401 -2.42 -3.79 11.94
CA ARG A 401 -2.62 -4.10 10.52
C ARG A 401 -1.99 -5.44 10.11
N MET A 402 -0.80 -5.73 10.63
CA MET A 402 -0.12 -7.00 10.35
C MET A 402 -0.91 -8.21 10.86
N LYS A 403 -1.41 -8.12 12.10
CA LYS A 403 -2.27 -9.16 12.69
C LYS A 403 -3.48 -9.44 11.82
N ASN A 404 -4.17 -8.39 11.37
CA ASN A 404 -5.34 -8.54 10.49
C ASN A 404 -4.99 -9.13 9.14
N ALA A 405 -3.87 -8.67 8.54
CA ALA A 405 -3.44 -9.13 7.23
C ALA A 405 -3.05 -10.61 7.26
N LEU A 406 -2.37 -11.01 8.33
CA LEU A 406 -1.96 -12.41 8.51
C LEU A 406 -3.16 -13.36 8.59
N GLN A 407 -4.26 -12.87 9.17
CA GLN A 407 -5.48 -13.65 9.33
C GLN A 407 -6.26 -13.78 8.03
N GLU A 408 -6.04 -12.83 7.12
CA GLU A 408 -6.65 -12.87 5.77
C GLU A 408 -5.88 -13.74 4.79
N LEU A 409 -4.58 -13.88 5.03
CA LEU A 409 -3.72 -14.68 4.16
C LEU A 409 -4.08 -16.15 4.21
N ILE A 410 -4.37 -16.71 3.04
CA ILE A 410 -4.65 -18.12 2.88
C ILE A 410 -3.59 -18.70 1.97
N ILE A 411 -2.86 -19.70 2.48
CA ILE A 411 -1.95 -20.50 1.66
C ILE A 411 -2.16 -21.97 2.04
N ASP A 412 -3.02 -22.64 1.28
CA ASP A 412 -3.36 -24.04 1.55
C ASP A 412 -2.56 -24.95 0.63
N GLY A 413 -2.37 -26.20 1.06
CA GLY A 413 -1.67 -27.22 0.27
C GLY A 413 -0.22 -27.42 0.68
N ILE A 414 0.35 -26.40 1.30
CA ILE A 414 1.70 -26.45 1.86
C ILE A 414 1.70 -25.87 3.26
N LYS A 415 2.70 -26.26 4.05
CA LYS A 415 2.86 -25.75 5.42
C LYS A 415 3.60 -24.43 5.36
N THR A 416 3.17 -23.46 6.16
CA THR A 416 3.84 -22.17 6.22
C THR A 416 4.02 -21.70 7.66
N ASN A 417 4.75 -20.60 7.82
CA ASN A 417 5.00 -20.01 9.13
C ASN A 417 4.02 -18.88 9.51
N VAL A 418 2.87 -18.82 8.85
CA VAL A 418 1.88 -17.78 9.13
C VAL A 418 1.45 -17.81 10.61
N ASP A 419 1.21 -19.02 11.13
CA ASP A 419 0.84 -19.17 12.54
C ASP A 419 1.92 -18.69 13.50
N LEU A 420 3.18 -18.97 13.18
CA LEU A 420 4.31 -18.45 13.95
C LEU A 420 4.35 -16.92 13.92
N GLN A 421 4.20 -16.32 12.73
CA GLN A 421 4.20 -14.87 12.59
C GLN A 421 3.13 -14.20 13.46
N ILE A 422 1.93 -14.75 13.44
CA ILE A 422 0.82 -14.29 14.29
C ILE A 422 1.21 -14.33 15.78
N ARG A 423 1.84 -15.44 16.21
CA ARG A 423 2.34 -15.57 17.57
C ARG A 423 3.34 -14.48 17.94
N ILE A 424 4.24 -14.17 17.02
CA ILE A 424 5.24 -13.09 17.23
C ILE A 424 4.54 -11.72 17.35
N MET A 425 3.59 -11.44 16.46
CA MET A 425 2.81 -10.19 16.51
C MET A 425 2.07 -10.03 17.84
N ASN A 426 1.60 -11.15 18.38
CA ASN A 426 0.92 -11.17 19.67
C ASN A 426 1.84 -11.30 20.89
N ASP A 427 3.15 -11.40 20.65
CA ASP A 427 4.12 -11.54 21.73
C ASP A 427 4.30 -10.21 22.47
N GLU A 428 4.17 -10.25 23.79
CA GLU A 428 4.14 -9.04 24.62
C GLU A 428 5.45 -8.26 24.61
N ASN A 429 6.56 -8.97 24.48
CA ASN A 429 7.86 -8.32 24.39
C ASN A 429 8.06 -7.65 23.03
N PHE A 430 7.68 -8.33 21.95
CA PHE A 430 7.67 -7.70 20.62
C PHE A 430 6.77 -6.47 20.60
N GLN A 431 5.60 -6.57 21.22
CA GLN A 431 4.67 -5.45 21.32
C GLN A 431 5.27 -4.26 22.08
N HIS A 432 6.08 -4.53 23.10
CA HIS A 432 6.86 -3.48 23.79
C HIS A 432 7.94 -2.92 22.85
N GLY A 433 8.63 -3.82 22.15
CA GLY A 433 9.66 -3.43 21.19
C GLY A 433 11.05 -3.56 21.77
N GLY A 434 12.04 -3.53 20.88
CA GLY A 434 13.44 -3.59 21.24
C GLY A 434 13.95 -4.94 21.76
N THR A 435 13.29 -6.04 21.38
CA THR A 435 13.83 -7.37 21.73
C THR A 435 15.19 -7.58 21.06
N ASN A 436 16.08 -8.33 21.70
CA ASN A 436 17.42 -8.58 21.15
C ASN A 436 17.49 -9.76 20.17
N ILE A 437 18.68 -10.02 19.64
CA ILE A 437 18.90 -11.01 18.58
C ILE A 437 18.72 -12.46 19.05
N HIS A 438 18.59 -12.65 20.37
CA HIS A 438 18.41 -13.99 20.94
C HIS A 438 16.96 -14.27 21.31
N TYR A 439 16.10 -13.26 21.21
CA TYR A 439 14.74 -13.40 21.72
C TYR A 439 13.90 -14.55 21.14
N LEU A 440 13.80 -14.61 19.82
CA LEU A 440 12.90 -15.59 19.18
C LEU A 440 13.24 -17.03 19.56
N GLU A 441 14.52 -17.38 19.46
CA GLU A 441 15.00 -18.71 19.83
C GLU A 441 14.79 -19.03 21.31
N LYS A 442 14.91 -18.01 22.18
CA LYS A 442 14.57 -18.16 23.59
C LYS A 442 13.09 -18.42 23.79
N LYS A 443 12.25 -17.62 23.13
CA LYS A 443 10.80 -17.78 23.14
C LYS A 443 10.37 -19.17 22.65
N LEU A 444 10.92 -19.59 21.52
CA LEU A 444 10.61 -20.89 20.92
C LEU A 444 11.10 -22.08 21.77
N GLY A 445 12.16 -21.88 22.53
CA GLY A 445 12.69 -22.90 23.42
C GLY A 445 11.89 -23.02 24.72
N LEU A 446 11.29 -21.91 25.14
CA LEU A 446 10.42 -21.89 26.33
C LEU A 446 9.07 -22.55 26.04
N GLN A 447 8.33 -22.85 26.98
N MET B 1 -13.68 3.71 23.04
CA MET B 1 -13.96 3.07 21.72
C MET B 1 -15.26 2.24 21.74
N LEU B 2 -15.88 2.09 20.57
CA LEU B 2 -17.10 1.29 20.43
C LEU B 2 -16.81 -0.20 20.66
N ASP B 3 -17.62 -0.84 21.50
CA ASP B 3 -17.38 -2.26 21.83
C ASP B 3 -17.63 -3.17 20.62
N LYS B 4 -18.75 -2.92 19.95
CA LYS B 4 -19.27 -3.82 18.93
C LYS B 4 -20.17 -3.04 17.99
N ILE B 5 -19.93 -3.19 16.69
CA ILE B 5 -20.74 -2.50 15.70
C ILE B 5 -21.32 -3.46 14.66
N VAL B 6 -22.49 -3.09 14.15
CA VAL B 6 -23.07 -3.75 13.00
C VAL B 6 -22.59 -3.02 11.76
N ILE B 7 -22.07 -3.80 10.82
CA ILE B 7 -21.76 -3.30 9.49
C ILE B 7 -23.00 -3.52 8.60
N ALA B 8 -23.80 -2.47 8.44
CA ALA B 8 -25.03 -2.51 7.66
C ALA B 8 -24.75 -2.25 6.18
N ASN B 9 -24.02 -3.17 5.56
CA ASN B 9 -23.64 -3.07 4.15
C ASN B 9 -23.00 -4.39 3.71
N ARG B 10 -22.41 -4.40 2.52
CA ARG B 10 -21.90 -5.62 1.92
C ARG B 10 -20.67 -5.31 1.06
N GLY B 11 -20.13 -6.35 0.43
CA GLY B 11 -19.10 -6.18 -0.59
C GLY B 11 -17.81 -5.57 -0.08
N GLU B 12 -17.21 -4.72 -0.91
CA GLU B 12 -15.91 -4.13 -0.58
C GLU B 12 -15.95 -3.16 0.60
N ILE B 13 -17.01 -2.35 0.71
CA ILE B 13 -17.07 -1.36 1.80
C ILE B 13 -17.27 -2.03 3.16
N ALA B 14 -17.97 -3.15 3.18
CA ALA B 14 -18.18 -3.88 4.42
C ALA B 14 -16.85 -4.45 4.92
N LEU B 15 -16.05 -4.98 3.99
CA LEU B 15 -14.70 -5.44 4.28
C LEU B 15 -13.78 -4.31 4.75
N ARG B 16 -13.90 -3.16 4.10
CA ARG B 16 -13.13 -1.97 4.47
C ARG B 16 -13.40 -1.55 5.92
N ILE B 17 -14.69 -1.51 6.28
CA ILE B 17 -15.12 -1.16 7.62
C ILE B 17 -14.68 -2.23 8.64
N LEU B 18 -14.80 -3.51 8.29
CA LEU B 18 -14.36 -4.60 9.18
C LEU B 18 -12.88 -4.48 9.53
N ARG B 19 -12.05 -4.18 8.53
CA ARG B 19 -10.60 -4.04 8.77
C ARG B 19 -10.30 -2.90 9.73
N ALA B 20 -10.99 -1.77 9.56
CA ALA B 20 -10.86 -0.63 10.48
C ALA B 20 -11.25 -0.99 11.91
N CYS B 21 -12.37 -1.70 12.04
CA CYS B 21 -12.84 -2.17 13.34
C CYS B 21 -11.82 -3.08 14.00
N LYS B 22 -11.28 -4.03 13.23
CA LYS B 22 -10.31 -4.99 13.76
C LYS B 22 -9.05 -4.32 14.27
N GLU B 23 -8.59 -3.29 13.55
CA GLU B 23 -7.43 -2.50 13.96
C GLU B 23 -7.67 -1.77 15.27
N LEU B 24 -8.90 -1.33 15.49
CA LEU B 24 -9.25 -0.59 16.69
C LEU B 24 -9.76 -1.50 17.81
N GLY B 25 -9.82 -2.80 17.55
CA GLY B 25 -10.31 -3.78 18.53
C GLY B 25 -11.82 -3.72 18.75
N ILE B 26 -12.53 -3.22 17.76
CA ILE B 26 -13.99 -3.15 17.79
C ILE B 26 -14.55 -4.48 17.28
N LYS B 27 -15.44 -5.09 18.05
CA LYS B 27 -16.10 -6.34 17.62
C LYS B 27 -17.04 -6.09 16.43
N THR B 28 -17.10 -7.03 15.51
CA THR B 28 -17.93 -6.85 14.32
C THR B 28 -19.12 -7.82 14.25
N VAL B 29 -20.24 -7.27 13.80
CA VAL B 29 -21.41 -8.05 13.45
C VAL B 29 -21.68 -7.86 11.95
N ALA B 30 -21.55 -8.93 11.18
CA ALA B 30 -21.87 -8.87 9.76
C ALA B 30 -23.32 -9.29 9.56
N VAL B 31 -24.17 -8.34 9.22
CA VAL B 31 -25.52 -8.66 8.76
C VAL B 31 -25.47 -8.86 7.24
N HIS B 32 -26.15 -9.89 6.77
CA HIS B 32 -26.07 -10.26 5.35
C HIS B 32 -27.36 -10.90 4.85
N SER B 33 -27.63 -10.74 3.55
CA SER B 33 -28.70 -11.50 2.89
C SER B 33 -28.28 -12.98 2.77
N SER B 34 -29.25 -13.84 2.49
CA SER B 34 -28.97 -15.27 2.28
C SER B 34 -28.02 -15.50 1.10
N ALA B 35 -28.00 -14.57 0.15
CA ALA B 35 -27.11 -14.68 -1.01
C ALA B 35 -25.67 -14.27 -0.73
N ASP B 36 -25.45 -13.62 0.41
CA ASP B 36 -24.13 -13.05 0.77
C ASP B 36 -23.43 -13.78 1.91
N ARG B 37 -23.84 -15.02 2.13
CA ARG B 37 -23.31 -15.85 3.21
C ARG B 37 -21.80 -16.04 3.11
N ASP B 38 -21.28 -16.01 1.88
CA ASP B 38 -19.87 -16.27 1.64
C ASP B 38 -19.05 -15.02 1.30
N LEU B 39 -19.60 -13.84 1.56
CA LEU B 39 -18.83 -12.61 1.48
C LEU B 39 -17.59 -12.70 2.35
N LYS B 40 -16.47 -12.19 1.84
CA LYS B 40 -15.21 -12.21 2.61
C LYS B 40 -15.37 -11.63 4.02
N HIS B 41 -16.03 -10.47 4.12
CA HIS B 41 -16.17 -9.82 5.44
C HIS B 41 -17.06 -10.61 6.40
N VAL B 42 -18.08 -11.26 5.86
CA VAL B 42 -18.95 -12.16 6.65
C VAL B 42 -18.13 -13.30 7.25
N LEU B 43 -17.29 -13.93 6.42
CA LEU B 43 -16.40 -15.00 6.85
C LEU B 43 -15.33 -14.55 7.86
N LEU B 44 -15.00 -13.25 7.87
CA LEU B 44 -14.02 -12.72 8.82
C LEU B 44 -14.63 -12.11 10.08
N ALA B 45 -15.93 -11.81 10.05
CA ALA B 45 -16.60 -11.11 11.16
C ALA B 45 -16.67 -11.96 12.42
N ASP B 46 -16.69 -11.30 13.57
CA ASP B 46 -16.82 -11.98 14.87
C ASP B 46 -18.17 -12.69 15.03
N GLU B 47 -19.23 -12.04 14.54
CA GLU B 47 -20.58 -12.60 14.59
C GLU B 47 -21.29 -12.29 13.29
N THR B 48 -22.21 -13.17 12.92
CA THR B 48 -22.98 -13.00 11.69
C THR B 48 -24.47 -13.20 11.96
N VAL B 49 -25.30 -12.42 11.25
CA VAL B 49 -26.76 -12.57 11.31
C VAL B 49 -27.31 -12.47 9.89
N CYS B 50 -28.02 -13.50 9.44
CA CYS B 50 -28.76 -13.40 8.18
C CYS B 50 -30.01 -12.55 8.39
N ILE B 51 -30.14 -11.47 7.63
CA ILE B 51 -31.21 -10.50 7.84
C ILE B 51 -32.32 -10.57 6.79
N GLY B 52 -32.23 -11.55 5.90
CA GLY B 52 -33.31 -11.82 4.95
C GLY B 52 -32.84 -12.37 3.62
N PRO B 53 -33.78 -12.63 2.70
CA PRO B 53 -33.47 -13.14 1.37
C PRO B 53 -32.66 -12.15 0.50
N ALA B 54 -32.25 -12.61 -0.68
CA ALA B 54 -31.37 -11.84 -1.58
C ALA B 54 -31.75 -10.38 -1.89
N PRO B 55 -33.01 -10.11 -2.33
CA PRO B 55 -33.32 -8.74 -2.75
C PRO B 55 -33.04 -7.73 -1.64
N SER B 56 -32.47 -6.59 -1.99
CA SER B 56 -32.03 -5.63 -0.98
C SER B 56 -33.18 -5.13 -0.11
N VAL B 57 -34.35 -4.98 -0.73
CA VAL B 57 -35.58 -4.59 0.00
C VAL B 57 -35.87 -5.53 1.18
N LYS B 58 -35.50 -6.80 1.04
CA LYS B 58 -35.76 -7.83 2.04
C LYS B 58 -34.64 -7.97 3.06
N SER B 59 -33.50 -7.33 2.80
CA SER B 59 -32.32 -7.54 3.64
C SER B 59 -31.64 -6.22 3.96
N TYR B 60 -30.76 -5.75 3.07
CA TYR B 60 -29.95 -4.53 3.33
C TYR B 60 -30.73 -3.23 3.50
N LEU B 61 -31.98 -3.22 3.04
CA LEU B 61 -32.86 -2.07 3.21
C LEU B 61 -33.98 -2.32 4.21
N ASN B 62 -33.90 -3.47 4.87
CA ASN B 62 -34.91 -3.89 5.83
C ASN B 62 -34.55 -3.35 7.23
N ILE B 63 -35.05 -2.15 7.55
CA ILE B 63 -34.74 -1.46 8.80
C ILE B 63 -35.00 -2.29 10.07
N PRO B 64 -36.21 -2.88 10.22
CA PRO B 64 -36.46 -3.73 11.40
C PRO B 64 -35.53 -4.95 11.54
N ALA B 65 -35.18 -5.61 10.44
CA ALA B 65 -34.28 -6.77 10.49
C ALA B 65 -32.88 -6.36 10.94
N ILE B 66 -32.41 -5.23 10.43
CA ILE B 66 -31.10 -4.69 10.80
C ILE B 66 -31.08 -4.28 12.28
N ILE B 67 -32.07 -3.52 12.71
CA ILE B 67 -32.17 -3.10 14.11
C ILE B 67 -32.25 -4.30 15.04
N SER B 68 -33.07 -5.29 14.67
CA SER B 68 -33.21 -6.53 15.44
C SER B 68 -31.87 -7.26 15.61
N ALA B 69 -31.13 -7.42 14.50
CA ALA B 69 -29.80 -8.02 14.52
C ALA B 69 -28.87 -7.28 15.48
N ALA B 70 -28.90 -5.95 15.39
CA ALA B 70 -28.09 -5.09 16.28
C ALA B 70 -28.47 -5.28 17.75
N GLU B 71 -29.77 -5.45 18.01
CA GLU B 71 -30.27 -5.68 19.36
C GLU B 71 -29.84 -7.05 19.92
N ILE B 72 -30.06 -8.11 19.16
CA ILE B 72 -29.76 -9.48 19.64
C ILE B 72 -28.27 -9.75 19.88
N THR B 73 -27.39 -9.11 19.09
CA THR B 73 -25.95 -9.30 19.24
C THR B 73 -25.31 -8.39 20.31
N GLY B 74 -26.10 -7.47 20.84
CA GLY B 74 -25.59 -6.52 21.83
C GLY B 74 -24.63 -5.47 21.28
N ALA B 75 -24.77 -5.14 20.00
CA ALA B 75 -24.00 -4.06 19.37
C ALA B 75 -24.37 -2.68 19.95
N VAL B 76 -23.45 -1.71 19.83
CA VAL B 76 -23.71 -0.35 20.35
C VAL B 76 -23.83 0.70 19.25
N ALA B 77 -23.49 0.32 18.02
CA ALA B 77 -23.43 1.26 16.90
C ALA B 77 -23.65 0.55 15.57
N ILE B 78 -24.11 1.31 14.58
CA ILE B 78 -24.29 0.79 13.22
C ILE B 78 -23.60 1.68 12.20
N HIS B 79 -22.75 1.06 11.37
CA HIS B 79 -22.10 1.77 10.25
C HIS B 79 -22.86 1.43 8.96
N PRO B 80 -23.43 2.45 8.30
CA PRO B 80 -24.23 2.18 7.12
C PRO B 80 -23.45 2.12 5.81
N GLY B 81 -22.13 2.39 5.86
CA GLY B 81 -21.30 2.45 4.65
C GLY B 81 -21.75 3.53 3.68
N TYR B 82 -21.77 3.21 2.40
CA TYR B 82 -22.38 4.07 1.37
C TYR B 82 -23.48 3.29 0.67
N GLY B 83 -24.30 4.01 -0.11
CA GLY B 83 -25.48 3.41 -0.72
C GLY B 83 -26.47 2.97 0.35
N PHE B 84 -27.36 2.05 -0.04
CA PHE B 84 -28.36 1.47 0.86
C PHE B 84 -29.06 2.50 1.77
N LEU B 85 -28.84 2.38 3.08
CA LEU B 85 -29.54 3.22 4.08
C LEU B 85 -28.71 4.39 4.62
N SER B 86 -27.51 4.57 4.09
CA SER B 86 -26.55 5.57 4.60
C SER B 86 -27.04 7.03 4.51
N GLU B 87 -27.91 7.32 3.55
CA GLU B 87 -28.50 8.66 3.44
C GLU B 87 -30.02 8.65 3.64
N ASN B 88 -30.49 7.61 4.32
CA ASN B 88 -31.87 7.50 4.78
C ASN B 88 -32.01 8.14 6.17
N ALA B 89 -32.60 9.33 6.21
CA ALA B 89 -32.75 10.08 7.46
C ALA B 89 -33.61 9.37 8.50
N ASN B 90 -34.67 8.69 8.03
CA ASN B 90 -35.53 7.91 8.92
C ASN B 90 -34.77 6.74 9.55
N PHE B 91 -33.89 6.10 8.78
CA PHE B 91 -33.04 5.04 9.32
C PHE B 91 -32.09 5.59 10.42
N ALA B 92 -31.42 6.70 10.12
CA ALA B 92 -30.54 7.37 11.08
C ALA B 92 -31.24 7.71 12.39
N GLU B 93 -32.43 8.31 12.27
CA GLU B 93 -33.27 8.64 13.41
C GLU B 93 -33.66 7.39 14.20
N GLN B 94 -34.09 6.35 13.49
CA GLN B 94 -34.49 5.08 14.11
C GLN B 94 -33.34 4.41 14.87
N VAL B 95 -32.15 4.42 14.26
CA VAL B 95 -30.96 3.85 14.90
C VAL B 95 -30.75 4.51 16.28
N GLU B 96 -30.79 5.84 16.29
CA GLU B 96 -30.62 6.62 17.52
C GLU B 96 -31.78 6.43 18.50
N ARG B 97 -33.01 6.38 17.98
CA ARG B 97 -34.19 6.11 18.81
C ARG B 97 -34.14 4.75 19.51
N SER B 98 -33.62 3.74 18.82
CA SER B 98 -33.45 2.41 19.37
C SER B 98 -32.24 2.32 20.32
N GLY B 99 -31.53 3.43 20.47
CA GLY B 99 -30.48 3.54 21.49
C GLY B 99 -29.08 3.22 21.00
N PHE B 100 -28.90 3.17 19.68
CA PHE B 100 -27.60 2.88 19.08
C PHE B 100 -26.90 4.16 18.64
N ILE B 101 -25.58 4.12 18.58
CA ILE B 101 -24.85 5.19 17.90
C ILE B 101 -24.97 4.94 16.40
N PHE B 102 -25.32 5.98 15.66
CA PHE B 102 -25.33 5.94 14.21
C PHE B 102 -24.03 6.56 13.72
N ILE B 103 -23.23 5.77 13.01
CA ILE B 103 -21.95 6.23 12.48
C ILE B 103 -22.18 7.05 11.20
N GLY B 104 -22.52 8.31 11.43
CA GLY B 104 -22.89 9.23 10.37
C GLY B 104 -23.37 10.52 10.99
N PRO B 105 -24.00 11.40 10.19
CA PRO B 105 -24.46 12.68 10.76
C PRO B 105 -25.77 12.50 11.51
N LYS B 106 -26.24 13.57 12.13
CA LYS B 106 -27.57 13.63 12.69
C LYS B 106 -28.61 13.52 11.58
N ALA B 107 -29.76 12.95 11.91
CA ALA B 107 -30.81 12.70 10.93
C ALA B 107 -31.30 13.99 10.26
N GLU B 108 -31.34 15.09 11.02
CA GLU B 108 -31.79 16.37 10.49
C GLU B 108 -30.82 16.97 9.48
N THR B 109 -29.53 16.66 9.65
CA THR B 109 -28.51 17.08 8.70
C THR B 109 -28.64 16.27 7.42
N ILE B 110 -28.91 14.99 7.57
CA ILE B 110 -29.18 14.13 6.42
C ILE B 110 -30.36 14.65 5.58
N ARG B 111 -31.48 15.01 6.23
CA ARG B 111 -32.60 15.56 5.44
C ARG B 111 -32.33 16.93 4.87
N LEU B 112 -31.65 17.80 5.63
CA LEU B 112 -31.26 19.11 5.12
C LEU B 112 -30.45 19.01 3.83
N MET B 113 -29.44 18.14 3.83
CA MET B 113 -28.54 18.03 2.70
C MET B 113 -29.02 17.02 1.66
N GLY B 114 -30.04 16.25 2.01
CA GLY B 114 -30.65 15.26 1.11
C GLY B 114 -31.67 15.87 0.18
N ASP B 115 -32.31 16.95 0.63
CA ASP B 115 -33.16 17.76 -0.22
C ASP B 115 -32.28 18.82 -0.87
N LYS B 116 -32.18 18.78 -2.19
CA LYS B 116 -31.20 19.60 -2.91
C LYS B 116 -31.46 21.11 -2.81
N VAL B 117 -32.73 21.51 -2.85
CA VAL B 117 -33.09 22.92 -2.68
C VAL B 117 -32.68 23.46 -1.30
N SER B 118 -32.98 22.72 -0.24
CA SER B 118 -32.58 23.14 1.11
C SER B 118 -31.06 23.09 1.30
N ALA B 119 -30.44 22.06 0.73
CA ALA B 119 -28.98 21.91 0.74
C ALA B 119 -28.29 23.11 0.13
N ILE B 120 -28.69 23.45 -1.09
CA ILE B 120 -28.16 24.60 -1.81
C ILE B 120 -28.39 25.90 -1.03
N ALA B 121 -29.59 26.08 -0.48
CA ALA B 121 -29.89 27.23 0.37
C ALA B 121 -28.98 27.29 1.60
N ALA B 122 -28.75 26.14 2.22
CA ALA B 122 -27.81 26.06 3.36
C ALA B 122 -26.39 26.46 2.93
N MET B 123 -25.96 25.96 1.77
CA MET B 123 -24.62 26.24 1.27
C MET B 123 -24.42 27.70 0.89
N LYS B 124 -25.40 28.27 0.21
CA LYS B 124 -25.35 29.68 -0.19
C LYS B 124 -25.26 30.59 1.04
N LYS B 125 -26.05 30.27 2.06
CA LYS B 125 -26.04 30.98 3.34
C LYS B 125 -24.68 30.88 4.05
N ALA B 126 -24.05 29.71 3.97
CA ALA B 126 -22.77 29.46 4.64
C ALA B 126 -21.55 30.11 3.95
N GLY B 127 -21.73 30.58 2.71
CA GLY B 127 -20.64 31.18 1.95
C GLY B 127 -20.00 30.23 0.95
N VAL B 128 -20.60 29.06 0.76
CA VAL B 128 -20.11 28.11 -0.23
C VAL B 128 -20.73 28.48 -1.60
N PRO B 129 -19.87 28.66 -2.63
CA PRO B 129 -20.37 29.04 -3.96
C PRO B 129 -21.22 27.96 -4.60
N CYS B 130 -22.32 28.37 -5.21
CA CYS B 130 -23.27 27.45 -5.84
C CYS B 130 -23.45 27.83 -7.31
N VAL B 131 -24.06 26.94 -8.10
CA VAL B 131 -24.34 27.23 -9.50
C VAL B 131 -25.41 28.32 -9.58
N PRO B 132 -25.14 29.39 -10.38
CA PRO B 132 -26.17 30.38 -10.66
C PRO B 132 -27.47 29.69 -11.06
N GLY B 133 -28.53 29.99 -10.32
CA GLY B 133 -29.80 29.29 -10.51
C GLY B 133 -31.00 30.01 -9.93
N SER B 134 -32.06 29.25 -9.70
CA SER B 134 -33.35 29.80 -9.27
C SER B 134 -33.39 30.28 -7.83
N ASP B 135 -32.45 29.81 -7.00
CA ASP B 135 -32.42 30.08 -5.55
C ASP B 135 -33.77 29.71 -4.91
N GLY B 136 -34.24 28.51 -5.21
CA GLY B 136 -35.52 28.04 -4.72
C GLY B 136 -36.25 27.18 -5.76
N PRO B 137 -37.41 26.63 -5.38
CA PRO B 137 -38.18 25.77 -6.27
C PRO B 137 -38.84 26.54 -7.43
N LEU B 138 -39.16 25.81 -8.50
CA LEU B 138 -39.83 26.40 -9.66
C LEU B 138 -41.35 26.26 -9.52
N GLY B 139 -42.05 27.38 -9.73
CA GLY B 139 -43.51 27.40 -9.67
C GLY B 139 -44.17 27.14 -11.00
N ASP B 140 -45.42 27.56 -11.13
CA ASP B 140 -46.21 27.36 -12.35
C ASP B 140 -46.10 28.52 -13.33
N ASP B 141 -45.71 29.69 -12.80
CA ASP B 141 -45.57 30.91 -13.60
C ASP B 141 -44.38 30.79 -14.55
N MET B 142 -44.69 30.68 -15.84
CA MET B 142 -43.67 30.58 -16.89
C MET B 142 -42.99 31.92 -17.19
N ASP B 143 -43.60 33.01 -16.72
CA ASP B 143 -43.00 34.34 -16.82
C ASP B 143 -41.77 34.47 -15.93
N LYS B 144 -41.88 33.97 -14.70
CA LYS B 144 -40.77 34.01 -13.74
C LYS B 144 -39.68 33.01 -14.10
N ASN B 145 -40.08 31.82 -14.57
CA ASN B 145 -39.14 30.78 -14.99
C ASN B 145 -38.28 31.20 -16.17
N ARG B 146 -38.88 31.94 -17.11
CA ARG B 146 -38.17 32.48 -18.27
C ARG B 146 -37.26 33.63 -17.87
N ALA B 147 -37.65 34.36 -16.83
CA ALA B 147 -36.86 35.44 -16.27
C ALA B 147 -35.65 34.91 -15.48
N ILE B 148 -35.80 33.71 -14.93
CA ILE B 148 -34.68 33.04 -14.25
C ILE B 148 -33.68 32.52 -15.28
N ALA B 149 -34.18 31.81 -16.30
CA ALA B 149 -33.35 31.25 -17.38
C ALA B 149 -32.50 32.30 -18.09
N LYS B 150 -33.07 33.47 -18.34
CA LYS B 150 -32.37 34.58 -18.97
C LYS B 150 -31.41 35.29 -18.01
N ARG B 151 -31.79 35.37 -16.74
CA ARG B 151 -30.96 35.98 -15.69
C ARG B 151 -29.62 35.23 -15.56
N ILE B 152 -29.69 33.91 -15.57
CA ILE B 152 -28.51 33.05 -15.53
C ILE B 152 -27.82 33.06 -16.90
N GLY B 153 -28.52 32.54 -17.90
CA GLY B 153 -27.98 32.45 -19.26
C GLY B 153 -27.97 31.02 -19.77
N TYR B 154 -28.60 30.82 -20.93
CA TYR B 154 -28.72 29.51 -21.56
C TYR B 154 -27.36 28.88 -21.92
N PRO B 155 -27.28 27.53 -21.91
CA PRO B 155 -28.35 26.60 -21.53
C PRO B 155 -28.53 26.46 -20.01
N VAL B 156 -29.69 25.94 -19.60
CA VAL B 156 -29.98 25.70 -18.19
C VAL B 156 -30.34 24.22 -17.95
N ILE B 157 -30.35 23.80 -16.69
CA ILE B 157 -30.74 22.44 -16.34
C ILE B 157 -31.82 22.43 -15.24
N ILE B 158 -32.86 21.63 -15.46
CA ILE B 158 -33.91 21.42 -14.47
C ILE B 158 -33.61 20.15 -13.68
N LYS B 159 -33.58 20.27 -12.35
CA LYS B 159 -33.24 19.14 -11.48
C LYS B 159 -34.31 18.86 -10.43
N ALA B 160 -34.50 17.58 -10.11
CA ALA B 160 -35.38 17.15 -9.03
C ALA B 160 -34.75 17.44 -7.67
N SER B 161 -35.55 18.03 -6.77
CA SER B 161 -35.08 18.41 -5.43
C SER B 161 -34.95 17.21 -4.49
N GLY B 162 -35.91 16.30 -4.52
CA GLY B 162 -35.97 15.18 -3.58
C GLY B 162 -35.38 13.87 -4.10
N GLY B 163 -34.26 13.96 -4.82
CA GLY B 163 -33.61 12.77 -5.36
C GLY B 163 -32.31 13.03 -6.11
N GLY B 164 -31.60 11.94 -6.41
CA GLY B 164 -30.33 12.01 -7.14
C GLY B 164 -30.26 11.06 -8.33
N GLY B 165 -29.19 11.19 -9.11
CA GLY B 165 -28.99 10.37 -10.31
C GLY B 165 -29.47 11.06 -11.58
N GLY B 166 -29.28 10.39 -12.72
CA GLY B 166 -29.68 10.92 -14.02
C GLY B 166 -31.18 11.08 -14.20
N ARG B 167 -31.94 10.26 -13.47
CA ARG B 167 -33.41 10.31 -13.49
C ARG B 167 -33.95 11.62 -12.93
N GLY B 168 -34.81 12.27 -13.70
CA GLY B 168 -35.41 13.55 -13.30
C GLY B 168 -34.45 14.72 -13.46
N MET B 169 -33.76 14.76 -14.59
CA MET B 169 -32.89 15.88 -14.96
C MET B 169 -32.99 16.15 -16.45
N ARG B 170 -33.19 17.42 -16.80
CA ARG B 170 -33.31 17.82 -18.20
C ARG B 170 -32.64 19.16 -18.53
N VAL B 171 -31.81 19.13 -19.58
CA VAL B 171 -31.15 20.32 -20.09
C VAL B 171 -32.06 21.05 -21.06
N VAL B 172 -32.22 22.36 -20.84
CA VAL B 172 -33.03 23.21 -21.70
C VAL B 172 -32.12 24.20 -22.43
N ARG B 173 -32.28 24.29 -23.75
CA ARG B 173 -31.40 25.12 -24.58
C ARG B 173 -32.11 26.33 -25.20
N GLY B 174 -33.42 26.42 -24.99
CA GLY B 174 -34.22 27.55 -25.48
C GLY B 174 -35.54 27.71 -24.74
N ASP B 175 -36.14 28.89 -24.86
CA ASP B 175 -37.43 29.19 -24.20
C ASP B 175 -38.58 28.32 -24.72
N ALA B 176 -38.44 27.82 -25.94
CA ALA B 176 -39.46 26.97 -26.56
C ALA B 176 -39.52 25.57 -25.96
N GLU B 177 -38.38 25.07 -25.49
CA GLU B 177 -38.29 23.75 -24.88
C GLU B 177 -38.58 23.79 -23.37
N LEU B 178 -38.55 25.00 -22.80
CA LEU B 178 -38.63 25.21 -21.35
C LEU B 178 -39.92 24.70 -20.69
N ALA B 179 -41.06 24.98 -21.31
CA ALA B 179 -42.38 24.62 -20.77
C ALA B 179 -42.54 23.12 -20.53
N GLN B 180 -42.28 22.33 -21.57
CA GLN B 180 -42.42 20.87 -21.50
C GLN B 180 -41.40 20.21 -20.57
N SER B 181 -40.19 20.75 -20.56
CA SER B 181 -39.09 20.18 -19.77
C SER B 181 -39.31 20.28 -18.25
N ILE B 182 -39.81 21.43 -17.79
CA ILE B 182 -40.13 21.64 -16.38
C ILE B 182 -41.26 20.71 -15.91
N SER B 183 -42.24 20.48 -16.79
CA SER B 183 -43.36 19.58 -16.50
C SER B 183 -42.98 18.10 -16.56
N MET B 184 -42.12 17.74 -17.51
CA MET B 184 -41.62 16.36 -17.63
C MET B 184 -40.70 15.98 -16.47
N THR B 185 -39.89 16.93 -16.02
CA THR B 185 -38.99 16.73 -14.89
C THR B 185 -39.76 16.69 -13.57
N ARG B 186 -40.84 17.47 -13.50
CA ARG B 186 -41.74 17.48 -12.34
C ARG B 186 -42.49 16.15 -12.19
N ALA B 187 -42.95 15.62 -13.33
CA ALA B 187 -43.71 14.35 -13.36
C ALA B 187 -42.83 13.14 -13.04
N GLU B 188 -41.64 13.09 -13.65
CA GLU B 188 -40.70 11.99 -13.43
C GLU B 188 -40.09 12.00 -12.03
N ALA B 189 -40.01 13.17 -11.41
CA ALA B 189 -39.59 13.30 -10.01
C ALA B 189 -40.68 12.83 -9.05
N LYS B 190 -41.93 13.08 -9.44
CA LYS B 190 -43.10 12.66 -8.68
C LYS B 190 -43.30 11.13 -8.77
N ALA B 191 -42.94 10.56 -9.92
CA ALA B 191 -43.07 9.13 -10.16
C ALA B 191 -41.99 8.32 -9.44
N ALA B 192 -40.81 8.92 -9.28
CA ALA B 192 -39.67 8.25 -8.67
C ALA B 192 -39.52 8.54 -7.18
N PHE B 193 -39.47 9.81 -6.83
CA PHE B 193 -39.18 10.24 -5.46
C PHE B 193 -40.40 10.67 -4.68
N SER B 194 -41.58 10.51 -5.29
CA SER B 194 -42.87 10.94 -4.71
C SER B 194 -42.90 12.43 -4.38
N ASN B 195 -41.93 13.16 -4.93
CA ASN B 195 -41.74 14.58 -4.67
C ASN B 195 -41.60 15.32 -6.00
N ASP B 196 -42.54 16.21 -6.29
CA ASP B 196 -42.60 16.88 -7.59
C ASP B 196 -41.78 18.18 -7.65
N MET B 197 -41.10 18.51 -6.56
CA MET B 197 -40.30 19.74 -6.50
C MET B 197 -39.10 19.68 -7.44
N VAL B 198 -38.92 20.75 -8.20
CA VAL B 198 -37.78 20.89 -9.11
C VAL B 198 -37.13 22.26 -8.96
N TYR B 199 -35.88 22.37 -9.41
CA TYR B 199 -35.18 23.65 -9.45
C TYR B 199 -34.36 23.80 -10.73
N MET B 200 -33.87 25.02 -10.97
CA MET B 200 -33.10 25.33 -12.15
C MET B 200 -31.74 25.89 -11.76
N GLU B 201 -30.70 25.46 -12.49
CA GLU B 201 -29.38 26.08 -12.42
C GLU B 201 -28.77 26.14 -13.82
N LYS B 202 -27.73 26.96 -13.98
CA LYS B 202 -27.01 27.04 -15.25
C LYS B 202 -26.37 25.72 -15.62
N TYR B 203 -26.52 25.31 -16.88
CA TYR B 203 -25.83 24.14 -17.39
C TYR B 203 -24.41 24.55 -17.80
N LEU B 204 -23.44 24.17 -16.98
CA LEU B 204 -22.03 24.47 -17.26
C LEU B 204 -21.55 23.54 -18.36
N GLU B 205 -21.01 24.13 -19.43
CA GLU B 205 -20.76 23.39 -20.66
C GLU B 205 -19.55 22.46 -20.61
N ASN B 206 -18.45 22.93 -20.02
CA ASN B 206 -17.27 22.08 -19.86
C ASN B 206 -16.65 22.10 -18.44
N PRO B 207 -17.38 21.56 -17.45
CA PRO B 207 -16.88 21.54 -16.08
C PRO B 207 -16.15 20.25 -15.72
N ARG B 208 -15.27 20.32 -14.73
CA ARG B 208 -14.71 19.13 -14.09
C ARG B 208 -15.49 18.84 -12.79
N HIS B 209 -15.49 17.58 -12.37
CA HIS B 209 -16.06 17.20 -11.08
C HIS B 209 -14.93 17.17 -10.08
N VAL B 210 -14.95 18.14 -9.17
CA VAL B 210 -13.96 18.23 -8.11
C VAL B 210 -14.71 18.27 -6.78
N GLU B 211 -14.30 17.43 -5.83
CA GLU B 211 -15.03 17.30 -4.57
C GLU B 211 -14.10 17.39 -3.37
N ILE B 212 -14.62 17.93 -2.28
CA ILE B 212 -13.83 18.19 -1.09
C ILE B 212 -14.24 17.23 0.02
N GLN B 213 -13.26 16.50 0.54
CA GLN B 213 -13.45 15.61 1.67
C GLN B 213 -13.36 16.40 2.96
N VAL B 214 -14.33 16.18 3.86
CA VAL B 214 -14.28 16.79 5.18
C VAL B 214 -14.43 15.75 6.28
N LEU B 215 -13.94 16.11 7.46
CA LEU B 215 -14.23 15.43 8.71
C LEU B 215 -14.66 16.49 9.70
N ALA B 216 -15.71 16.20 10.46
CA ALA B 216 -16.21 17.07 11.50
C ALA B 216 -16.63 16.21 12.68
N ASP B 217 -16.35 16.65 13.90
CA ASP B 217 -16.65 15.85 15.09
C ASP B 217 -18.05 16.11 15.68
N GLY B 218 -18.77 17.08 15.11
CA GLY B 218 -20.07 17.47 15.64
C GLY B 218 -19.96 18.23 16.94
N GLN B 219 -18.73 18.63 17.28
CA GLN B 219 -18.40 19.35 18.52
C GLN B 219 -17.82 20.73 18.19
N GLY B 220 -18.05 21.20 16.97
CA GLY B 220 -17.59 22.52 16.52
C GLY B 220 -16.28 22.52 15.73
N ASN B 221 -15.65 21.36 15.62
CA ASN B 221 -14.41 21.25 14.82
C ASN B 221 -14.66 20.57 13.49
N ALA B 222 -14.00 21.08 12.45
CA ALA B 222 -14.09 20.51 11.11
C ALA B 222 -12.82 20.78 10.35
N ILE B 223 -12.38 19.80 9.58
CA ILE B 223 -11.22 19.96 8.70
C ILE B 223 -11.55 19.48 7.30
N TYR B 224 -10.85 20.03 6.30
CA TYR B 224 -10.93 19.53 4.94
C TYR B 224 -9.68 18.73 4.63
N LEU B 225 -9.83 17.67 3.85
CA LEU B 225 -8.73 16.80 3.51
C LEU B 225 -8.53 16.79 2.00
N ALA B 226 -8.17 17.97 1.49
CA ALA B 226 -7.94 18.22 0.06
C ALA B 226 -9.14 17.84 -0.81
N GLU B 227 -8.87 17.54 -2.07
CA GLU B 227 -9.91 17.30 -3.05
C GLU B 227 -9.64 16.05 -3.89
N ARG B 228 -10.67 15.68 -4.66
CA ARG B 228 -10.58 14.58 -5.58
C ARG B 228 -11.21 15.05 -6.89
N ASP B 229 -10.66 14.58 -7.99
CA ASP B 229 -11.25 14.81 -9.30
C ASP B 229 -11.88 13.51 -9.77
N CYS B 230 -13.19 13.55 -10.05
CA CYS B 230 -13.93 12.35 -10.41
C CYS B 230 -14.69 12.57 -11.72
N SER B 231 -14.04 13.25 -12.66
CA SER B 231 -14.64 13.67 -13.93
C SER B 231 -14.92 12.53 -14.91
N MET B 232 -14.15 11.44 -14.79
CA MET B 232 -14.31 10.28 -15.67
C MET B 232 -15.56 9.49 -15.31
N GLN B 233 -16.59 9.65 -16.13
CA GLN B 233 -17.93 9.17 -15.81
C GLN B 233 -18.64 8.55 -17.01
N ARG B 234 -19.52 7.59 -16.73
CA ARG B 234 -20.42 7.04 -17.73
C ARG B 234 -21.79 6.96 -17.09
N ARG B 235 -22.77 7.55 -17.76
CA ARG B 235 -24.14 7.66 -17.22
C ARG B 235 -24.17 8.26 -15.80
N HIS B 236 -23.33 9.27 -15.59
CA HIS B 236 -23.20 10.00 -14.32
C HIS B 236 -22.67 9.14 -13.15
N GLN B 237 -22.15 7.96 -13.47
CA GLN B 237 -21.46 7.09 -12.53
C GLN B 237 -19.95 7.30 -12.72
N LYS B 238 -19.26 7.55 -11.61
CA LYS B 238 -17.81 7.74 -11.60
C LYS B 238 -17.09 6.44 -11.95
N VAL B 239 -16.02 6.56 -12.74
CA VAL B 239 -15.27 5.39 -13.23
C VAL B 239 -13.84 5.42 -12.69
N VAL B 240 -13.25 6.62 -12.71
CA VAL B 240 -11.91 6.86 -12.21
C VAL B 240 -11.95 8.06 -11.29
N GLU B 241 -11.22 7.97 -10.17
CA GLU B 241 -11.05 9.13 -9.30
C GLU B 241 -9.57 9.32 -8.97
N GLU B 242 -9.19 10.57 -8.73
CA GLU B 242 -7.81 10.86 -8.35
C GLU B 242 -7.71 11.99 -7.33
N ALA B 243 -6.60 12.01 -6.60
CA ALA B 243 -6.32 13.05 -5.61
C ALA B 243 -4.82 13.33 -5.58
N PRO B 244 -4.42 14.62 -5.51
CA PRO B 244 -5.29 15.81 -5.61
C PRO B 244 -5.76 16.00 -7.06
N ALA B 245 -6.64 16.98 -7.30
CA ALA B 245 -7.10 17.30 -8.65
C ALA B 245 -6.01 18.07 -9.40
N PRO B 246 -5.66 17.59 -10.61
CA PRO B 246 -4.69 18.29 -11.44
C PRO B 246 -5.01 19.77 -11.64
N GLY B 247 -4.02 20.62 -11.43
CA GLY B 247 -4.14 22.05 -11.72
C GLY B 247 -4.68 22.89 -10.59
N ILE B 248 -5.22 22.25 -9.56
CA ILE B 248 -5.68 22.95 -8.37
C ILE B 248 -4.46 23.36 -7.55
N THR B 249 -4.37 24.66 -7.32
CA THR B 249 -3.28 25.26 -6.56
C THR B 249 -3.55 25.16 -5.06
N PRO B 250 -2.49 25.21 -4.23
CA PRO B 250 -2.64 25.20 -2.77
C PRO B 250 -3.50 26.34 -2.23
N GLU B 251 -3.48 27.50 -2.88
CA GLU B 251 -4.33 28.62 -2.48
C GLU B 251 -5.79 28.45 -2.90
N LEU B 252 -6.00 27.78 -4.03
CA LEU B 252 -7.36 27.43 -4.46
C LEU B 252 -7.95 26.31 -3.61
N ARG B 253 -7.09 25.36 -3.24
CA ARG B 253 -7.43 24.28 -2.31
C ARG B 253 -7.90 24.83 -0.97
N ARG B 254 -7.11 25.74 -0.38
CA ARG B 254 -7.48 26.32 0.91
C ARG B 254 -8.69 27.25 0.82
N TYR B 255 -8.84 27.97 -0.29
CA TYR B 255 -10.02 28.80 -0.52
C TYR B 255 -11.31 27.99 -0.37
N ILE B 256 -11.44 26.94 -1.18
CA ILE B 256 -12.66 26.13 -1.20
C ILE B 256 -12.74 25.19 0.00
N GLY B 257 -11.59 24.71 0.47
CA GLY B 257 -11.51 23.88 1.67
C GLY B 257 -12.01 24.59 2.91
N GLU B 258 -11.56 25.83 3.10
CA GLU B 258 -11.98 26.65 4.23
C GLU B 258 -13.48 26.95 4.21
N ARG B 259 -14.04 27.17 3.02
CA ARG B 259 -15.47 27.39 2.89
C ARG B 259 -16.30 26.13 3.23
N CYS B 260 -15.78 24.95 2.89
CA CYS B 260 -16.45 23.70 3.23
C CYS B 260 -16.40 23.41 4.73
N ALA B 261 -15.22 23.62 5.32
CA ALA B 261 -15.03 23.44 6.77
C ALA B 261 -15.95 24.37 7.57
N LYS B 262 -16.15 25.59 7.08
CA LYS B 262 -17.04 26.55 7.71
C LYS B 262 -18.50 26.13 7.58
N ALA B 263 -18.88 25.62 6.41
CA ALA B 263 -20.23 25.11 6.19
C ALA B 263 -20.59 23.96 7.14
N CYS B 264 -19.62 23.07 7.40
CA CYS B 264 -19.77 21.98 8.37
C CYS B 264 -20.18 22.51 9.75
N VAL B 265 -19.44 23.50 10.22
CA VAL B 265 -19.72 24.16 11.50
C VAL B 265 -21.14 24.74 11.51
N ASP B 266 -21.47 25.51 10.47
CA ASP B 266 -22.78 26.16 10.33
C ASP B 266 -23.96 25.19 10.35
N ILE B 267 -23.80 24.02 9.75
CA ILE B 267 -24.87 23.02 9.68
C ILE B 267 -24.77 21.97 10.81
N GLY B 268 -23.75 22.12 11.66
CA GLY B 268 -23.49 21.18 12.75
C GLY B 268 -23.17 19.78 12.25
N TYR B 269 -22.39 19.69 11.17
CA TYR B 269 -22.08 18.41 10.55
C TYR B 269 -21.27 17.49 11.46
N ARG B 270 -21.58 16.19 11.40
CA ARG B 270 -20.90 15.17 12.20
C ARG B 270 -20.45 13.99 11.34
N GLY B 271 -19.16 13.69 11.39
CA GLY B 271 -18.58 12.54 10.70
C GLY B 271 -17.89 12.88 9.39
N ALA B 272 -17.76 11.87 8.54
CA ALA B 272 -17.18 12.06 7.21
C ALA B 272 -18.23 12.60 6.26
N GLY B 273 -17.82 13.49 5.37
CA GLY B 273 -18.71 14.07 4.38
C GLY B 273 -17.96 14.53 3.16
N THR B 274 -18.68 14.71 2.05
CA THR B 274 -18.10 15.21 0.81
C THR B 274 -18.98 16.26 0.17
N PHE B 275 -18.37 17.40 -0.13
CA PHE B 275 -18.99 18.46 -0.91
C PHE B 275 -18.58 18.31 -2.37
N GLU B 276 -19.56 18.05 -3.24
CA GLU B 276 -19.30 17.88 -4.65
C GLU B 276 -19.52 19.18 -5.42
N PHE B 277 -18.52 19.55 -6.22
CA PHE B 277 -18.55 20.78 -7.00
C PHE B 277 -18.36 20.48 -8.49
N LEU B 278 -18.94 21.34 -9.33
CA LEU B 278 -18.51 21.47 -10.70
C LEU B 278 -17.46 22.57 -10.74
N PHE B 279 -16.36 22.30 -11.43
CA PHE B 279 -15.22 23.22 -11.48
C PHE B 279 -14.93 23.64 -12.92
N GLU B 280 -15.09 24.93 -13.19
CA GLU B 280 -14.94 25.48 -14.53
C GLU B 280 -14.49 26.93 -14.46
N ASN B 281 -13.59 27.32 -15.37
CA ASN B 281 -13.05 28.68 -15.42
C ASN B 281 -12.38 29.11 -14.12
N GLY B 282 -11.80 28.15 -13.40
CA GLY B 282 -11.18 28.43 -12.11
C GLY B 282 -12.15 28.71 -10.97
N GLU B 283 -13.44 28.46 -11.20
CA GLU B 283 -14.49 28.67 -10.19
C GLU B 283 -15.14 27.37 -9.73
N PHE B 284 -15.51 27.32 -8.45
CA PHE B 284 -16.24 26.19 -7.87
C PHE B 284 -17.73 26.46 -7.77
N TYR B 285 -18.54 25.46 -8.12
CA TYR B 285 -19.99 25.55 -8.01
C TYR B 285 -20.58 24.31 -7.35
N PHE B 286 -21.13 24.48 -6.15
CA PHE B 286 -21.72 23.38 -5.39
C PHE B 286 -22.92 22.77 -6.11
N ILE B 287 -22.92 21.44 -6.19
CA ILE B 287 -24.08 20.71 -6.70
C ILE B 287 -24.74 19.84 -5.65
N GLU B 288 -23.94 19.15 -4.83
CA GLU B 288 -24.48 18.34 -3.72
C GLU B 288 -23.46 17.92 -2.66
N MET B 289 -23.99 17.51 -1.52
CA MET B 289 -23.18 16.97 -0.44
C MET B 289 -23.58 15.53 -0.15
N ASN B 290 -22.59 14.65 -0.14
CA ASN B 290 -22.80 13.29 0.31
C ASN B 290 -22.52 13.22 1.79
N THR B 291 -23.57 12.91 2.55
CA THR B 291 -23.50 12.93 4.01
C THR B 291 -23.12 11.55 4.56
N ARG B 292 -21.96 11.06 4.12
CA ARG B 292 -21.53 9.67 4.33
C ARG B 292 -20.10 9.51 3.79
N ILE B 293 -19.46 8.38 4.07
CA ILE B 293 -18.22 8.02 3.40
C ILE B 293 -18.51 7.78 1.91
N GLN B 294 -17.53 7.99 1.05
CA GLN B 294 -17.71 7.66 -0.37
C GLN B 294 -16.87 6.48 -0.83
N VAL B 295 -17.29 5.89 -1.95
CA VAL B 295 -16.54 4.84 -2.67
C VAL B 295 -15.07 5.22 -2.81
N GLU B 296 -14.83 6.43 -3.31
CA GLU B 296 -13.48 6.88 -3.67
C GLU B 296 -12.63 7.44 -2.53
N HIS B 297 -13.08 7.29 -1.28
CA HIS B 297 -12.30 7.77 -0.10
C HIS B 297 -10.82 7.33 -0.04
N PRO B 298 -10.47 6.12 -0.53
CA PRO B 298 -9.06 5.70 -0.45
C PRO B 298 -8.02 6.61 -1.12
N VAL B 299 -8.35 7.29 -2.21
CA VAL B 299 -7.35 8.19 -2.86
C VAL B 299 -6.95 9.36 -1.94
N THR B 300 -7.90 9.84 -1.13
CA THR B 300 -7.64 10.90 -0.14
C THR B 300 -6.78 10.37 1.00
N GLU B 301 -7.06 9.15 1.44
CA GLU B 301 -6.27 8.47 2.46
C GLU B 301 -4.79 8.35 2.06
N MET B 302 -4.55 8.00 0.79
CA MET B 302 -3.18 7.81 0.28
C MET B 302 -2.33 9.09 0.30
N ILE B 303 -2.96 10.23 0.00
CA ILE B 303 -2.23 11.49 -0.13
C ILE B 303 -2.17 12.32 1.16
N THR B 304 -2.95 11.92 2.17
CA THR B 304 -2.98 12.62 3.45
C THR B 304 -2.51 11.75 4.61
N GLY B 305 -2.57 10.43 4.44
CA GLY B 305 -2.22 9.52 5.53
C GLY B 305 -3.33 9.33 6.57
N VAL B 306 -4.47 9.98 6.36
CA VAL B 306 -5.60 9.88 7.29
C VAL B 306 -6.47 8.65 6.98
N ASP B 307 -6.72 7.83 7.99
CA ASP B 307 -7.65 6.69 7.86
C ASP B 307 -9.05 7.23 8.14
N LEU B 308 -9.82 7.42 7.07
CA LEU B 308 -11.12 8.09 7.15
C LEU B 308 -12.19 7.25 7.85
N ILE B 309 -12.11 5.93 7.70
CA ILE B 309 -13.04 5.03 8.36
C ILE B 309 -12.76 4.98 9.88
N LYS B 310 -11.49 4.88 10.26
CA LYS B 310 -11.13 4.98 11.68
C LYS B 310 -11.59 6.30 12.29
N GLU B 311 -11.44 7.41 11.56
CA GLU B 311 -11.89 8.69 12.06
C GLU B 311 -13.41 8.76 12.24
N GLN B 312 -14.16 8.15 11.32
CA GLN B 312 -15.61 7.98 11.47
C GLN B 312 -15.92 7.28 12.78
N LEU B 313 -15.22 6.19 13.05
CA LEU B 313 -15.44 5.39 14.27
C LEU B 313 -15.06 6.15 15.54
N ARG B 314 -13.95 6.90 15.50
CA ARG B 314 -13.53 7.76 16.62
C ARG B 314 -14.52 8.88 16.92
N ILE B 315 -15.02 9.53 15.87
CA ILE B 315 -16.01 10.60 15.98
C ILE B 315 -17.31 10.05 16.58
N ALA B 316 -17.73 8.89 16.08
CA ALA B 316 -18.93 8.21 16.58
C ALA B 316 -18.84 7.83 18.06
N ALA B 317 -17.63 7.48 18.50
CA ALA B 317 -17.36 7.18 19.90
C ALA B 317 -17.33 8.43 20.79
N GLY B 318 -17.51 9.61 20.20
CA GLY B 318 -17.55 10.86 20.95
C GLY B 318 -16.22 11.58 21.10
N GLN B 319 -15.20 11.11 20.38
CA GLN B 319 -13.88 11.75 20.43
C GLN B 319 -13.81 12.97 19.52
N PRO B 320 -13.34 14.10 20.06
CA PRO B 320 -13.15 15.29 19.22
C PRO B 320 -12.03 15.05 18.21
N LEU B 321 -12.03 15.79 17.10
CA LEU B 321 -10.95 15.66 16.11
C LEU B 321 -9.60 15.89 16.78
N SER B 322 -8.65 15.01 16.51
CA SER B 322 -7.30 15.12 17.05
C SER B 322 -6.42 15.84 16.03
N ILE B 323 -6.86 15.78 14.77
CA ILE B 323 -6.13 16.35 13.66
C ILE B 323 -6.49 17.82 13.54
N LYS B 324 -5.48 18.67 13.53
CA LYS B 324 -5.65 20.09 13.27
C LYS B 324 -5.45 20.33 11.78
N GLN B 325 -6.12 21.36 11.24
CA GLN B 325 -6.03 21.65 9.80
C GLN B 325 -4.59 21.83 9.32
N GLU B 326 -3.77 22.46 10.16
CA GLU B 326 -2.36 22.75 9.89
C GLU B 326 -1.52 21.47 9.78
N GLU B 327 -2.05 20.38 10.32
CA GLU B 327 -1.37 19.08 10.33
C GLU B 327 -1.73 18.25 9.09
N VAL B 328 -2.69 18.72 8.31
CA VAL B 328 -3.10 18.02 7.10
C VAL B 328 -2.23 18.45 5.92
N HIS B 329 -1.51 17.50 5.33
CA HIS B 329 -0.63 17.79 4.20
C HIS B 329 -0.87 16.84 3.03
N VAL B 330 -1.00 17.41 1.84
CA VAL B 330 -1.08 16.66 0.60
C VAL B 330 0.32 16.24 0.17
N ARG B 331 0.52 14.94 0.03
CA ARG B 331 1.79 14.40 -0.42
C ARG B 331 1.54 13.35 -1.48
N GLY B 332 2.17 13.52 -2.62
CA GLY B 332 2.05 12.58 -3.71
C GLY B 332 0.71 12.64 -4.42
N HIS B 333 0.34 11.53 -5.03
CA HIS B 333 -0.80 11.49 -5.91
C HIS B 333 -1.33 10.06 -5.97
N ALA B 334 -2.65 9.92 -5.99
CA ALA B 334 -3.28 8.59 -6.07
C ALA B 334 -4.39 8.58 -7.08
N VAL B 335 -4.54 7.44 -7.75
CA VAL B 335 -5.59 7.25 -8.72
C VAL B 335 -6.34 5.97 -8.36
N GLU B 336 -7.67 6.01 -8.46
CA GLU B 336 -8.52 4.84 -8.27
C GLU B 336 -9.24 4.44 -9.55
N CYS B 337 -9.16 3.17 -9.89
CA CYS B 337 -9.95 2.57 -10.97
C CYS B 337 -10.98 1.66 -10.33
N ARG B 338 -12.27 1.94 -10.58
CA ARG B 338 -13.33 1.05 -10.10
C ARG B 338 -13.35 -0.20 -10.96
N ILE B 339 -13.47 -1.35 -10.31
CA ILE B 339 -13.55 -2.64 -11.02
C ILE B 339 -14.98 -3.16 -10.93
N ASN B 340 -15.64 -3.23 -12.08
CA ASN B 340 -17.04 -3.62 -12.17
C ASN B 340 -17.24 -4.92 -12.94
N ALA B 341 -18.09 -5.79 -12.40
CA ALA B 341 -18.52 -7.01 -13.09
C ALA B 341 -19.53 -6.68 -14.20
N GLU B 342 -18.99 -6.35 -15.37
CA GLU B 342 -19.76 -5.94 -16.53
C GLU B 342 -18.87 -6.04 -17.76
N ASP B 343 -19.49 -6.16 -18.93
CA ASP B 343 -18.75 -6.18 -20.19
C ASP B 343 -18.08 -4.83 -20.41
N PRO B 344 -16.77 -4.83 -20.74
CA PRO B 344 -16.01 -3.58 -20.91
C PRO B 344 -16.45 -2.74 -22.12
N ASN B 345 -17.28 -3.32 -22.99
CA ASN B 345 -17.79 -2.62 -24.18
C ASN B 345 -19.30 -2.32 -24.15
N THR B 346 -20.11 -3.33 -23.82
CA THR B 346 -21.58 -3.17 -23.78
C THR B 346 -22.10 -2.81 -22.40
N PHE B 347 -21.29 -3.07 -21.37
CA PHE B 347 -21.67 -2.88 -19.97
C PHE B 347 -22.89 -3.71 -19.53
N LEU B 348 -23.10 -4.83 -20.22
CA LEU B 348 -24.02 -5.84 -19.73
C LEU B 348 -23.42 -6.35 -18.41
N PRO B 349 -24.24 -6.42 -17.35
CA PRO B 349 -23.77 -6.96 -16.07
C PRO B 349 -23.28 -8.40 -16.21
N SER B 350 -22.21 -8.73 -15.48
CA SER B 350 -21.61 -10.05 -15.51
C SER B 350 -21.49 -10.62 -14.09
N PRO B 351 -22.65 -11.00 -13.49
CA PRO B 351 -22.56 -11.77 -12.25
C PRO B 351 -22.03 -13.15 -12.58
N GLY B 352 -21.62 -13.90 -11.55
CA GLY B 352 -21.16 -15.27 -11.77
C GLY B 352 -19.93 -15.66 -10.97
N LYS B 353 -19.51 -16.92 -11.15
CA LYS B 353 -18.41 -17.47 -10.39
C LYS B 353 -17.05 -17.03 -10.95
N ILE B 354 -16.23 -16.43 -10.08
CA ILE B 354 -14.85 -16.11 -10.39
C ILE B 354 -14.04 -17.42 -10.29
N THR B 355 -13.57 -17.88 -11.44
CA THR B 355 -12.89 -19.17 -11.54
C THR B 355 -11.38 -19.04 -11.32
N ARG B 356 -10.85 -17.83 -11.49
CA ARG B 356 -9.45 -17.53 -11.23
C ARG B 356 -9.30 -16.08 -10.83
N PHE B 357 -8.48 -15.84 -9.82
CA PHE B 357 -8.27 -14.51 -9.28
C PHE B 357 -6.83 -14.27 -8.83
N HIS B 358 -6.24 -13.22 -9.36
CA HIS B 358 -4.97 -12.75 -8.85
C HIS B 358 -4.98 -11.24 -8.65
N ALA B 359 -4.71 -10.83 -7.40
CA ALA B 359 -4.64 -9.42 -7.06
C ALA B 359 -3.27 -8.85 -7.46
N PRO B 360 -3.25 -7.61 -7.94
CA PRO B 360 -1.94 -6.98 -8.16
C PRO B 360 -1.26 -6.64 -6.83
N GLY B 361 0.06 -6.54 -6.86
CA GLY B 361 0.84 -6.16 -5.67
C GLY B 361 1.84 -5.09 -6.06
N GLY B 362 2.73 -4.76 -5.13
CA GLY B 362 3.81 -3.83 -5.40
C GLY B 362 3.76 -2.60 -4.52
N PHE B 363 4.82 -1.80 -4.60
CA PHE B 363 4.92 -0.53 -3.88
C PHE B 363 3.86 0.44 -4.38
N GLY B 364 3.10 1.00 -3.46
CA GLY B 364 2.06 1.99 -3.78
C GLY B 364 0.77 1.44 -4.37
N VAL B 365 0.62 0.12 -4.38
CA VAL B 365 -0.57 -0.54 -4.91
C VAL B 365 -1.49 -0.95 -3.75
N ARG B 366 -2.73 -0.47 -3.80
CA ARG B 366 -3.71 -0.79 -2.76
C ARG B 366 -4.92 -1.43 -3.42
N TRP B 367 -5.25 -2.63 -2.98
CA TRP B 367 -6.36 -3.39 -3.52
C TRP B 367 -7.51 -3.47 -2.50
N GLU B 368 -8.67 -2.97 -2.91
CA GLU B 368 -9.85 -2.95 -2.04
C GLU B 368 -10.97 -3.76 -2.65
N SER B 369 -11.08 -5.02 -2.23
CA SER B 369 -12.11 -5.92 -2.76
C SER B 369 -12.34 -7.14 -1.88
N HIS B 370 -13.60 -7.57 -1.85
CA HIS B 370 -14.02 -8.80 -1.16
C HIS B 370 -13.89 -10.04 -2.03
N ILE B 371 -13.56 -9.88 -3.30
CA ILE B 371 -13.54 -11.04 -4.21
C ILE B 371 -12.38 -12.00 -3.95
N TYR B 372 -12.61 -13.26 -4.30
CA TYR B 372 -11.62 -14.32 -4.18
C TYR B 372 -11.97 -15.39 -5.21
N ALA B 373 -10.99 -16.23 -5.55
CA ALA B 373 -11.23 -17.33 -6.49
C ALA B 373 -12.26 -18.30 -5.89
N GLY B 374 -13.27 -18.65 -6.68
CA GLY B 374 -14.35 -19.51 -6.20
C GLY B 374 -15.59 -18.74 -5.75
N TYR B 375 -15.42 -17.44 -5.54
CA TYR B 375 -16.51 -16.57 -5.12
C TYR B 375 -17.47 -16.28 -6.28
N THR B 376 -18.77 -16.29 -5.99
CA THR B 376 -19.77 -15.92 -6.97
C THR B 376 -20.27 -14.51 -6.71
N VAL B 377 -20.11 -13.66 -7.73
CA VAL B 377 -20.69 -12.34 -7.74
C VAL B 377 -22.20 -12.50 -8.01
N PRO B 378 -23.05 -12.14 -7.03
CA PRO B 378 -24.49 -12.33 -7.21
C PRO B 378 -25.09 -11.30 -8.17
N PRO B 379 -26.16 -11.67 -8.86
CA PRO B 379 -26.82 -10.70 -9.74
C PRO B 379 -27.68 -9.64 -9.05
N TYR B 380 -27.86 -9.72 -7.73
CA TYR B 380 -28.83 -8.88 -7.01
C TYR B 380 -28.39 -7.45 -6.73
N TYR B 381 -27.10 -7.19 -6.79
CA TYR B 381 -26.51 -5.96 -6.26
C TYR B 381 -25.74 -5.15 -7.30
N ASP B 382 -24.99 -4.15 -6.85
CA ASP B 382 -24.29 -3.21 -7.74
C ASP B 382 -23.14 -3.90 -8.48
N SER B 383 -22.77 -3.37 -9.66
CA SER B 383 -21.71 -3.97 -10.48
C SER B 383 -20.30 -3.88 -9.89
N MET B 384 -20.05 -2.90 -9.01
CA MET B 384 -18.70 -2.66 -8.51
C MET B 384 -18.23 -3.76 -7.56
N ILE B 385 -17.20 -4.49 -7.99
CA ILE B 385 -16.69 -5.62 -7.19
C ILE B 385 -15.35 -5.35 -6.50
N GLY B 386 -14.68 -4.28 -6.89
CA GLY B 386 -13.38 -3.95 -6.33
C GLY B 386 -12.92 -2.57 -6.72
N LYS B 387 -11.87 -2.10 -6.04
CA LYS B 387 -11.25 -0.83 -6.34
C LYS B 387 -9.74 -1.00 -6.32
N LEU B 388 -9.11 -0.56 -7.39
CA LEU B 388 -7.66 -0.57 -7.48
C LEU B 388 -7.14 0.86 -7.30
N ILE B 389 -6.28 1.04 -6.30
CA ILE B 389 -5.76 2.35 -5.95
C ILE B 389 -4.23 2.32 -6.02
N CYS B 390 -3.67 3.17 -6.87
CA CYS B 390 -2.22 3.29 -6.98
C CYS B 390 -1.76 4.67 -6.57
N TYR B 391 -0.73 4.70 -5.73
CA TYR B 391 -0.13 5.93 -5.23
C TYR B 391 1.28 6.07 -5.78
N GLY B 392 1.69 7.30 -6.04
CA GLY B 392 3.09 7.63 -6.35
C GLY B 392 3.47 9.00 -5.84
N GLU B 393 4.77 9.30 -5.83
CA GLU B 393 5.27 10.64 -5.46
C GLU B 393 4.72 11.73 -6.38
N ASN B 394 4.35 11.35 -7.60
CA ASN B 394 3.65 12.27 -8.51
C ASN B 394 2.59 11.54 -9.35
N ARG B 395 1.80 12.33 -10.08
CA ARG B 395 0.71 11.79 -10.89
C ARG B 395 1.18 10.75 -11.93
N ASP B 396 2.28 11.05 -12.63
CA ASP B 396 2.84 10.16 -13.64
C ASP B 396 3.21 8.79 -13.11
N VAL B 397 3.80 8.77 -11.91
CA VAL B 397 4.17 7.54 -11.24
C VAL B 397 2.93 6.73 -10.81
N ALA B 398 1.90 7.42 -10.29
CA ALA B 398 0.64 6.76 -9.91
C ALA B 398 -0.04 6.09 -11.12
N ILE B 399 -0.07 6.79 -12.25
CA ILE B 399 -0.62 6.24 -13.52
C ILE B 399 0.21 5.05 -14.04
N ALA B 400 1.53 5.18 -14.04
CA ALA B 400 2.42 4.09 -14.41
C ALA B 400 2.18 2.84 -13.56
N ARG B 401 2.07 3.02 -12.25
CA ARG B 401 1.75 1.91 -11.37
C ARG B 401 0.38 1.32 -11.67
N MET B 402 -0.60 2.18 -11.97
CA MET B 402 -1.95 1.71 -12.30
C MET B 402 -1.97 0.85 -13.57
N LYS B 403 -1.25 1.28 -14.60
CA LYS B 403 -1.09 0.49 -15.83
C LYS B 403 -0.58 -0.90 -15.53
N ASN B 404 0.51 -1.00 -14.77
CA ASN B 404 1.06 -2.29 -14.37
C ASN B 404 0.08 -3.12 -13.53
N ALA B 405 -0.54 -2.47 -12.55
CA ALA B 405 -1.46 -3.14 -11.63
C ALA B 405 -2.65 -3.75 -12.37
N LEU B 406 -3.24 -2.97 -13.29
CA LEU B 406 -4.35 -3.44 -14.13
C LEU B 406 -3.96 -4.64 -14.99
N GLN B 407 -2.70 -4.69 -15.42
CA GLN B 407 -2.20 -5.81 -16.23
C GLN B 407 -1.99 -7.08 -15.41
N GLU B 408 -1.59 -6.92 -14.14
CA GLU B 408 -1.41 -8.07 -13.24
C GLU B 408 -2.72 -8.68 -12.77
N LEU B 409 -3.73 -7.83 -12.68
CA LEU B 409 -5.05 -8.23 -12.19
C LEU B 409 -5.67 -9.31 -13.09
N ILE B 410 -5.98 -10.45 -12.48
CA ILE B 410 -6.71 -11.52 -13.15
C ILE B 410 -8.06 -11.75 -12.48
N ILE B 411 -9.13 -11.68 -13.27
CA ILE B 411 -10.47 -12.06 -12.82
C ILE B 411 -11.11 -12.79 -14.00
N ASP B 412 -11.16 -14.11 -13.88
CA ASP B 412 -11.72 -14.98 -14.92
C ASP B 412 -13.06 -15.51 -14.46
N GLY B 413 -13.94 -15.81 -15.41
CA GLY B 413 -15.23 -16.40 -15.09
C GLY B 413 -16.36 -15.39 -15.33
N ILE B 414 -16.03 -14.10 -15.24
CA ILE B 414 -16.96 -13.02 -15.51
C ILE B 414 -16.28 -11.97 -16.35
N LYS B 415 -17.07 -11.12 -17.03
CA LYS B 415 -16.52 -9.94 -17.68
C LYS B 415 -16.31 -8.83 -16.66
N THR B 416 -15.24 -8.06 -16.83
CA THR B 416 -14.99 -6.87 -16.03
C THR B 416 -14.63 -5.71 -16.94
N ASN B 417 -14.63 -4.51 -16.38
CA ASN B 417 -14.25 -3.30 -17.10
C ASN B 417 -12.74 -3.02 -17.07
N VAL B 418 -11.93 -4.03 -16.72
CA VAL B 418 -10.48 -3.82 -16.64
C VAL B 418 -9.91 -3.30 -17.99
N ASP B 419 -10.41 -3.84 -19.10
CA ASP B 419 -9.96 -3.40 -20.44
C ASP B 419 -10.27 -1.94 -20.72
N LEU B 420 -11.46 -1.49 -20.29
CA LEU B 420 -11.79 -0.05 -20.33
C LEU B 420 -10.81 0.78 -19.49
N GLN B 421 -10.54 0.35 -18.25
CA GLN B 421 -9.62 1.07 -17.37
C GLN B 421 -8.22 1.21 -17.98
N ILE B 422 -7.73 0.13 -18.60
CA ILE B 422 -6.47 0.14 -19.35
C ILE B 422 -6.48 1.19 -20.47
N ARG B 423 -7.56 1.21 -21.25
CA ARG B 423 -7.77 2.23 -22.27
C ARG B 423 -7.73 3.65 -21.70
N ILE B 424 -8.35 3.86 -20.54
CA ILE B 424 -8.40 5.19 -19.92
C ILE B 424 -7.02 5.63 -19.44
N MET B 425 -6.27 4.72 -18.80
CA MET B 425 -4.91 5.02 -18.37
C MET B 425 -3.98 5.36 -19.54
N ASN B 426 -4.27 4.77 -20.71
CA ASN B 426 -3.49 4.97 -21.94
C ASN B 426 -3.91 6.19 -22.74
N ASP B 427 -5.04 6.78 -22.34
CA ASP B 427 -5.63 7.91 -23.02
C ASP B 427 -4.75 9.15 -22.81
N GLU B 428 -4.41 9.83 -23.90
CA GLU B 428 -3.47 10.95 -23.88
C GLU B 428 -4.03 12.18 -23.18
N ASN B 429 -5.34 12.39 -23.31
CA ASN B 429 -6.01 13.49 -22.64
C ASN B 429 -6.05 13.27 -21.13
N PHE B 430 -6.38 12.05 -20.71
CA PHE B 430 -6.29 11.70 -19.29
C PHE B 430 -4.86 11.86 -18.77
N GLN B 431 -3.89 11.39 -19.56
CA GLN B 431 -2.49 11.47 -19.18
C GLN B 431 -2.02 12.90 -19.01
N HIS B 432 -2.56 13.80 -19.83
CA HIS B 432 -2.37 15.23 -19.68
C HIS B 432 -3.06 15.75 -18.42
N GLY B 433 -4.30 15.31 -18.21
CA GLY B 433 -5.08 15.69 -17.03
C GLY B 433 -6.11 16.77 -17.33
N GLY B 434 -7.07 16.94 -16.44
CA GLY B 434 -8.05 18.00 -16.55
C GLY B 434 -9.20 17.77 -17.50
N THR B 435 -9.41 16.53 -17.91
CA THR B 435 -10.57 16.19 -18.76
C THR B 435 -11.88 16.49 -18.03
N ASN B 436 -12.89 16.91 -18.78
CA ASN B 436 -14.17 17.30 -18.20
C ASN B 436 -15.12 16.12 -17.97
N ILE B 437 -16.28 16.41 -17.40
CA ILE B 437 -17.24 15.37 -17.03
C ILE B 437 -17.89 14.69 -18.22
N HIS B 438 -17.72 15.28 -19.41
CA HIS B 438 -18.29 14.74 -20.64
C HIS B 438 -17.30 13.87 -21.41
N TYR B 439 -16.04 13.83 -20.98
CA TYR B 439 -14.98 13.23 -21.80
C TYR B 439 -15.15 11.73 -22.11
N LEU B 440 -15.41 10.90 -21.10
CA LEU B 440 -15.43 9.45 -21.31
C LEU B 440 -16.46 9.01 -22.33
N GLU B 441 -17.68 9.54 -22.21
CA GLU B 441 -18.77 9.15 -23.11
C GLU B 441 -18.55 9.54 -24.58
N LYS B 442 -17.84 10.63 -24.84
CA LYS B 442 -17.53 10.95 -26.23
C LYS B 442 -16.33 10.17 -26.78
N LYS B 443 -15.39 9.79 -25.91
CA LYS B 443 -14.34 8.83 -26.28
C LYS B 443 -14.95 7.46 -26.60
N LEU B 444 -16.00 7.10 -25.87
CA LEU B 444 -16.72 5.83 -26.06
C LEU B 444 -17.76 5.91 -27.18
N GLY B 445 -18.20 7.13 -27.50
CA GLY B 445 -19.14 7.36 -28.59
C GLY B 445 -18.43 7.44 -29.93
N LEU B 446 -17.29 7.94 -30.02
N10 OA5 C . 31.07 -9.08 18.03
C6 OA5 C . 29.89 -9.71 17.79
N8 OA5 C . 29.02 -9.95 18.80
C5 OA5 C . 27.84 -10.58 18.54
N9 OA5 C . 26.98 -10.83 19.54
N2 OA5 C . 27.52 -10.95 17.27
N3 OA5 C . 29.57 -10.07 16.55
C1 OA5 C . 28.41 -10.68 16.27
O4 OA5 C . 28.16 -11.02 14.97
C7 OA5 C . 26.88 -11.50 14.54
C11 OA5 C . 26.94 -13.02 14.59
O12 OA5 C . 25.73 -13.49 15.20
C13 OA5 C . 25.72 -14.21 16.36
C15 OA5 C . 26.85 -14.92 16.79
C17 OA5 C . 26.79 -15.66 17.96
C18 OA5 C . 25.61 -15.72 18.71
C16 OA5 C . 24.48 -15.02 18.28
C14 OA5 C . 24.53 -14.27 17.10
CL CL D . 19.12 -10.19 1.76
N10 OA5 E . -23.07 20.46 -16.70
C6 OA5 E . -23.83 20.47 -15.57
N8 OA5 E . -24.23 21.65 -15.03
C5 OA5 E . -24.98 21.66 -13.90
N9 OA5 E . -25.38 22.83 -13.35
N2 OA5 E . -25.35 20.49 -13.33
N3 OA5 E . -24.20 19.30 -15.00
C1 OA5 E . -24.96 19.31 -13.87
O4 OA5 E . -25.34 18.15 -13.26
C7 OA5 E . -25.19 16.86 -13.87
C11 OA5 E . -26.48 16.51 -14.59
O12 OA5 E . -26.19 15.81 -15.81
C13 OA5 E . -27.15 15.46 -16.71
C15 OA5 E . -27.02 15.87 -18.04
C17 OA5 E . -28.00 15.51 -18.98
C18 OA5 E . -29.09 14.74 -18.59
C16 OA5 E . -29.23 14.33 -17.26
C14 OA5 E . -28.25 14.68 -16.33
CL CL F . -20.20 6.81 -2.92
#